data_7T71
#
_entry.id   7T71
#
_cell.length_a   153.560
_cell.length_b   125.490
_cell.length_c   52.140
_cell.angle_alpha   90.000
_cell.angle_beta   90.000
_cell.angle_gamma   90.000
#
_symmetry.space_group_name_H-M   'P 21 21 2'
#
loop_
_entity.id
_entity.type
_entity.pdbx_description
1 polymer 'Mevalonate 3,5-bisphosphate decarboxylase'
2 non-polymer 'OLEIC ACID'
3 water water
#
_entity_poly.entity_id   1
_entity_poly.type   'polypeptide(L)'
_entity_poly.pdbx_seq_one_letter_code
;MGSSHHHHHHSSGLVPRGSHMNDLNVYGEKIRNMLLELGIYNKSDDYSPDIKYNKTFHANGYPITGLYKFLGYYDRDNNI
ANFPSISFTTNFSSCDVTCRVLRSGNDRIIFNGKNNEKYYKRAEKALSFLRKKYRIDAAFEFNIRINRRYRDAKGLGESA
AVASATARAVAAAVFGMDAAKDRGFVSYLARHVSGSGTRSAAGNLSMWLSYPGIDDLSSIGFEIRKDDLFHFYAIPMRSR
IETLNAHDYASSSIFYNAWVKSKFFDIIDIIENKFNTRMMLEYSMKDMYRLQALLISSGYIIYEKHYLDIIRKLRSSLNN
YKNVYFTSDTGTSIVVMSTSMNELSRFVNDLDLDGISGNFPEKIIIEEL
;
_entity_poly.pdbx_strand_id   A,B
#
# COMPACT_ATOMS: atom_id res chain seq x y z
N MET A 21 25.64 -34.85 20.63
CA MET A 21 24.52 -35.32 19.82
C MET A 21 23.32 -34.33 19.74
N ASN A 22 23.28 -33.49 18.68
CA ASN A 22 22.19 -32.52 18.47
C ASN A 22 21.15 -33.06 17.47
N ASP A 23 20.05 -33.56 18.01
CA ASP A 23 18.93 -34.15 17.29
C ASP A 23 18.29 -33.18 16.31
N LEU A 24 18.28 -31.86 16.65
CA LEU A 24 17.70 -30.84 15.78
C LEU A 24 18.58 -30.61 14.56
N ASN A 25 19.89 -30.71 14.74
CA ASN A 25 20.82 -30.58 13.63
C ASN A 25 20.68 -31.79 12.68
N VAL A 26 20.44 -33.00 13.23
CA VAL A 26 20.28 -34.24 12.45
C VAL A 26 19.02 -34.17 11.55
N TYR A 27 17.86 -33.80 12.15
CA TYR A 27 16.59 -33.61 11.44
C TYR A 27 16.65 -32.44 10.49
N GLY A 28 17.38 -31.40 10.88
CA GLY A 28 17.64 -30.27 9.99
C GLY A 28 18.38 -30.69 8.72
N GLU A 29 19.48 -31.42 8.87
CA GLU A 29 20.28 -31.93 7.75
C GLU A 29 19.47 -32.92 6.89
N LYS A 30 18.58 -33.74 7.51
CA LYS A 30 17.70 -34.64 6.75
C LYS A 30 16.77 -33.83 5.84
N ILE A 31 16.18 -32.74 6.40
CA ILE A 31 15.30 -31.83 5.68
C ILE A 31 16.06 -31.20 4.55
N ARG A 32 17.29 -30.73 4.82
CA ARG A 32 18.11 -30.08 3.80
C ARG A 32 18.35 -31.04 2.60
N ASN A 33 18.72 -32.30 2.88
CA ASN A 33 18.95 -33.31 1.84
C ASN A 33 17.68 -33.57 1.03
N MET A 34 16.52 -33.68 1.69
CA MET A 34 15.24 -33.86 1.00
C MET A 34 14.97 -32.69 0.04
N LEU A 35 15.22 -31.46 0.50
CA LEU A 35 15.02 -30.27 -0.30
C LEU A 35 16.00 -30.19 -1.48
N LEU A 36 17.25 -30.64 -1.28
CA LEU A 36 18.24 -30.68 -2.37
C LEU A 36 17.81 -31.68 -3.45
N GLU A 37 17.28 -32.84 -3.03
CA GLU A 37 16.81 -33.90 -3.92
C GLU A 37 15.60 -33.46 -4.74
N LEU A 38 14.75 -32.57 -4.18
CA LEU A 38 13.60 -32.00 -4.89
C LEU A 38 14.04 -30.99 -5.94
N GLY A 39 15.19 -30.36 -5.71
CA GLY A 39 15.72 -29.35 -6.61
C GLY A 39 15.14 -27.95 -6.44
N ILE A 40 14.32 -27.71 -5.38
CA ILE A 40 13.72 -26.39 -5.09
C ILE A 40 14.62 -25.52 -4.18
N TYR A 41 15.59 -26.16 -3.56
CA TYR A 41 16.50 -25.47 -2.67
C TYR A 41 17.95 -25.71 -3.10
N ASN A 42 18.78 -24.70 -2.91
CA ASN A 42 20.23 -24.75 -3.11
C ASN A 42 20.83 -23.79 -2.13
N LYS A 43 22.03 -24.12 -1.63
CA LYS A 43 22.81 -23.22 -0.78
C LYS A 43 22.97 -21.92 -1.60
N SER A 44 22.84 -20.76 -0.96
CA SER A 44 22.99 -19.52 -1.71
C SER A 44 24.41 -19.34 -2.26
N ASP A 45 24.50 -18.72 -3.44
CA ASP A 45 25.76 -18.29 -4.01
C ASP A 45 26.15 -17.02 -3.24
N ASP A 46 27.46 -16.75 -3.18
CA ASP A 46 27.97 -15.58 -2.51
C ASP A 46 28.51 -14.65 -3.59
N TYR A 47 28.66 -13.36 -3.25
CA TYR A 47 29.12 -12.34 -4.18
C TYR A 47 30.21 -11.50 -3.53
N SER A 48 31.08 -10.96 -4.38
CA SER A 48 32.15 -10.06 -3.98
C SER A 48 31.59 -8.62 -4.09
N PRO A 49 31.89 -7.73 -3.13
CA PRO A 49 31.38 -6.35 -3.24
C PRO A 49 31.98 -5.64 -4.45
N ASP A 50 31.16 -4.87 -5.16
CA ASP A 50 31.54 -4.00 -6.28
C ASP A 50 30.66 -2.76 -6.12
N ILE A 51 30.99 -1.96 -5.09
CA ILE A 51 30.16 -0.83 -4.66
C ILE A 51 30.01 0.26 -5.73
N LYS A 52 28.74 0.66 -5.98
CA LYS A 52 28.37 1.77 -6.86
C LYS A 52 28.11 2.96 -5.89
N TYR A 53 29.18 3.66 -5.50
CA TYR A 53 29.15 4.80 -4.57
C TYR A 53 28.34 5.97 -5.12
N ASN A 54 27.68 6.73 -4.22
CA ASN A 54 26.94 7.97 -4.52
C ASN A 54 25.71 7.80 -5.41
N LYS A 55 25.25 6.58 -5.67
CA LYS A 55 24.06 6.38 -6.48
C LYS A 55 22.94 5.90 -5.55
N THR A 56 21.76 6.44 -5.72
CA THR A 56 20.65 6.02 -4.89
C THR A 56 19.97 4.82 -5.52
N PHE A 57 19.72 3.79 -4.69
CA PHE A 57 19.00 2.61 -5.11
C PHE A 57 17.71 2.56 -4.36
N HIS A 58 16.67 2.03 -5.01
CA HIS A 58 15.34 1.97 -4.45
C HIS A 58 14.78 0.57 -4.58
N ALA A 59 14.19 0.08 -3.50
CA ALA A 59 13.55 -1.24 -3.56
C ALA A 59 12.32 -1.24 -2.67
N ASN A 60 11.37 -2.13 -2.97
CA ASN A 60 10.21 -2.30 -2.12
C ASN A 60 10.26 -3.71 -1.49
N GLY A 61 9.33 -3.98 -0.57
CA GLY A 61 9.27 -5.22 0.18
C GLY A 61 7.92 -5.34 0.87
N TYR A 62 7.49 -6.57 1.11
CA TYR A 62 6.16 -6.83 1.62
C TYR A 62 6.14 -7.70 2.88
N PRO A 63 5.14 -7.50 3.76
CA PRO A 63 5.08 -8.31 5.00
C PRO A 63 4.69 -9.76 4.74
N ILE A 64 4.79 -10.60 5.77
CA ILE A 64 4.43 -12.02 5.64
C ILE A 64 3.42 -12.42 6.72
N THR A 65 2.72 -13.53 6.49
CA THR A 65 1.85 -14.20 7.45
C THR A 65 2.33 -15.65 7.50
N GLY A 66 2.65 -16.13 8.70
CA GLY A 66 3.15 -17.48 8.90
C GLY A 66 2.11 -18.57 8.70
N LEU A 67 2.51 -19.65 8.03
CA LEU A 67 1.72 -20.88 7.84
C LEU A 67 2.32 -21.91 8.83
N TYR A 68 3.61 -22.22 8.68
CA TYR A 68 4.40 -23.04 9.61
C TYR A 68 5.18 -21.94 10.32
N LYS A 69 4.63 -21.45 11.43
CA LYS A 69 5.09 -20.28 12.16
C LYS A 69 6.45 -20.40 12.81
N PHE A 70 7.08 -19.26 13.00
CA PHE A 70 8.39 -19.19 13.60
C PHE A 70 8.38 -18.30 14.85
N LEU A 71 9.03 -18.76 15.92
CA LEU A 71 9.26 -18.03 17.14
C LEU A 71 10.51 -18.63 17.83
N GLY A 72 11.44 -17.77 18.20
CA GLY A 72 12.66 -18.17 18.89
C GLY A 72 13.84 -18.40 17.98
N TYR A 73 14.99 -17.87 18.37
CA TYR A 73 16.22 -18.03 17.61
C TYR A 73 17.15 -18.99 18.26
N TYR A 74 17.89 -19.74 17.45
CA TYR A 74 18.97 -20.57 17.97
C TYR A 74 20.17 -19.61 18.24
N ASP A 75 20.49 -18.75 17.26
CA ASP A 75 21.60 -17.81 17.33
C ASP A 75 21.03 -16.46 16.92
N ARG A 76 20.75 -15.63 17.93
CA ARG A 76 20.17 -14.29 17.73
C ARG A 76 21.14 -13.32 17.05
N ASP A 77 22.45 -13.56 17.10
CA ASP A 77 23.45 -12.69 16.48
C ASP A 77 23.46 -12.80 14.95
N ASN A 78 23.21 -14.01 14.42
CA ASN A 78 23.20 -14.28 12.98
C ASN A 78 21.77 -14.54 12.47
N ASN A 79 20.79 -14.43 13.38
CA ASN A 79 19.37 -14.72 13.11
C ASN A 79 19.15 -16.13 12.52
N ILE A 80 19.71 -17.15 13.18
CA ILE A 80 19.47 -18.53 12.80
C ILE A 80 18.32 -18.98 13.69
N ALA A 81 17.23 -19.51 13.10
CA ALA A 81 16.07 -20.01 13.86
C ALA A 81 16.32 -21.45 14.31
N ASN A 82 15.57 -21.91 15.32
CA ASN A 82 15.65 -23.27 15.84
C ASN A 82 15.08 -24.29 14.86
N PHE A 83 14.20 -23.86 13.95
CA PHE A 83 13.55 -24.80 13.03
C PHE A 83 13.10 -24.11 11.74
N PRO A 84 12.76 -24.85 10.68
CA PRO A 84 12.29 -24.22 9.44
C PRO A 84 10.88 -23.66 9.55
N SER A 85 10.58 -22.64 8.75
CA SER A 85 9.26 -22.00 8.72
C SER A 85 8.79 -21.75 7.29
N ILE A 86 7.47 -21.60 7.10
CA ILE A 86 6.84 -21.40 5.80
C ILE A 86 5.82 -20.26 5.97
N SER A 87 5.83 -19.30 5.07
CA SER A 87 4.87 -18.19 5.11
C SER A 87 4.43 -17.78 3.71
N PHE A 88 3.49 -16.85 3.65
CA PHE A 88 3.08 -16.24 2.40
C PHE A 88 3.22 -14.73 2.56
N THR A 89 3.54 -14.07 1.46
CA THR A 89 3.76 -12.62 1.37
C THR A 89 2.44 -11.90 1.09
N THR A 90 2.14 -10.84 1.86
CA THR A 90 0.86 -10.12 1.72
C THR A 90 1.09 -8.63 1.36
N ASN A 91 -0.01 -7.88 1.21
CA ASN A 91 0.01 -6.45 0.93
C ASN A 91 -0.67 -5.68 2.09
N PHE A 92 -0.63 -6.21 3.33
CA PHE A 92 -1.27 -5.51 4.47
C PHE A 92 -0.52 -4.23 4.85
N SER A 93 0.70 -4.10 4.39
CA SER A 93 1.55 -2.92 4.48
C SER A 93 2.53 -3.04 3.33
N SER A 94 3.30 -2.01 3.07
CA SER A 94 4.32 -2.04 2.02
C SER A 94 5.47 -1.22 2.52
N CYS A 95 6.67 -1.63 2.15
CA CYS A 95 7.86 -0.91 2.53
C CYS A 95 8.57 -0.47 1.28
N ASP A 96 9.11 0.73 1.29
CA ASP A 96 9.94 1.26 0.21
C ASP A 96 11.22 1.77 0.85
N VAL A 97 12.34 1.41 0.27
CA VAL A 97 13.62 1.78 0.83
C VAL A 97 14.45 2.47 -0.23
N THR A 98 15.17 3.50 0.22
CA THR A 98 16.13 4.27 -0.53
C THR A 98 17.50 4.01 0.15
N CYS A 99 18.51 3.63 -0.62
CA CYS A 99 19.83 3.32 -0.10
C CYS A 99 20.89 4.04 -0.91
N ARG A 100 21.88 4.58 -0.22
CA ARG A 100 23.00 5.27 -0.83
C ARG A 100 24.25 4.89 -0.06
N VAL A 101 25.29 4.48 -0.79
CA VAL A 101 26.57 4.09 -0.20
C VAL A 101 27.59 5.18 -0.46
N LEU A 102 28.28 5.63 0.60
CA LEU A 102 29.26 6.70 0.50
C LEU A 102 30.62 6.21 0.92
N ARG A 103 31.69 6.75 0.31
CA ARG A 103 33.09 6.35 0.63
C ARG A 103 33.46 6.74 2.05
N SER A 104 32.93 7.89 2.50
CA SER A 104 33.17 8.46 3.81
C SER A 104 31.87 9.11 4.31
N GLY A 105 31.83 9.46 5.57
CA GLY A 105 30.64 10.05 6.17
C GLY A 105 30.10 9.15 7.25
N ASN A 106 28.88 9.42 7.72
CA ASN A 106 28.31 8.64 8.82
C ASN A 106 27.05 7.95 8.41
N ASP A 107 26.75 6.79 9.01
CA ASP A 107 25.51 6.08 8.70
C ASP A 107 24.30 6.91 9.11
N ARG A 108 23.27 6.91 8.29
CA ARG A 108 22.04 7.60 8.60
C ARG A 108 20.92 6.66 8.30
N ILE A 109 20.11 6.34 9.31
CA ILE A 109 18.95 5.45 9.17
C ILE A 109 17.70 6.25 9.54
N ILE A 110 16.88 6.56 8.54
CA ILE A 110 15.63 7.29 8.74
C ILE A 110 14.49 6.28 8.54
N PHE A 111 13.62 6.16 9.52
CA PHE A 111 12.49 5.23 9.48
C PHE A 111 11.21 6.06 9.62
N ASN A 112 10.35 6.08 8.57
CA ASN A 112 9.12 6.90 8.56
C ASN A 112 9.37 8.32 9.03
N GLY A 113 10.45 8.93 8.52
CA GLY A 113 10.87 10.29 8.88
C GLY A 113 11.54 10.46 10.23
N LYS A 114 11.76 9.39 10.99
CA LYS A 114 12.37 9.46 12.33
C LYS A 114 13.80 8.91 12.37
N ASN A 115 14.65 9.58 13.12
CA ASN A 115 16.05 9.22 13.31
C ASN A 115 16.12 8.95 14.81
N ASN A 116 15.78 7.71 15.20
CA ASN A 116 15.76 7.26 16.60
C ASN A 116 16.74 6.11 16.81
N GLU A 117 17.27 5.98 18.04
CA GLU A 117 18.22 4.94 18.45
C GLU A 117 17.78 3.50 18.14
N LYS A 118 16.51 3.16 18.46
CA LYS A 118 15.96 1.82 18.24
C LYS A 118 16.19 1.33 16.80
N TYR A 119 16.04 2.23 15.82
CA TYR A 119 16.21 1.90 14.40
C TYR A 119 17.67 1.81 14.02
N TYR A 120 18.49 2.77 14.50
CA TYR A 120 19.92 2.74 14.26
C TYR A 120 20.52 1.39 14.75
N LYS A 121 20.14 0.94 15.97
CA LYS A 121 20.60 -0.34 16.58
C LYS A 121 20.24 -1.56 15.73
N ARG A 122 18.99 -1.66 15.27
CA ARG A 122 18.54 -2.78 14.45
C ARG A 122 19.30 -2.82 13.11
N ALA A 123 19.53 -1.64 12.48
CA ALA A 123 20.25 -1.51 11.22
C ALA A 123 21.73 -1.81 11.38
N GLU A 124 22.34 -1.32 12.48
CA GLU A 124 23.76 -1.55 12.76
C GLU A 124 24.15 -2.98 13.01
N LYS A 125 23.23 -3.80 13.56
CA LYS A 125 23.51 -5.22 13.78
C LYS A 125 23.75 -5.88 12.40
N ALA A 126 22.93 -5.54 11.39
CA ALA A 126 23.06 -6.07 10.02
C ALA A 126 24.25 -5.45 9.27
N LEU A 127 24.47 -4.12 9.41
CA LEU A 127 25.57 -3.44 8.72
C LEU A 127 26.91 -3.87 9.26
N SER A 128 26.99 -4.20 10.57
CA SER A 128 28.20 -4.72 11.21
C SER A 128 28.57 -6.04 10.56
N PHE A 129 27.58 -6.94 10.35
CA PHE A 129 27.78 -8.23 9.68
C PHE A 129 28.35 -7.96 8.28
N LEU A 130 27.72 -7.04 7.53
CA LEU A 130 28.12 -6.69 6.17
C LEU A 130 29.55 -6.16 6.09
N ARG A 131 29.90 -5.21 6.97
CA ARG A 131 31.25 -4.62 7.01
C ARG A 131 32.31 -5.61 7.46
N LYS A 132 31.99 -6.50 8.42
CA LYS A 132 32.96 -7.50 8.90
C LYS A 132 33.17 -8.62 7.89
N LYS A 133 32.08 -9.20 7.35
CA LYS A 133 32.18 -10.31 6.40
C LYS A 133 32.82 -9.89 5.07
N TYR A 134 32.37 -8.77 4.53
CA TYR A 134 32.81 -8.36 3.21
C TYR A 134 33.91 -7.29 3.19
N ARG A 135 34.46 -6.91 4.37
CA ARG A 135 35.54 -5.91 4.49
C ARG A 135 35.21 -4.62 3.74
N ILE A 136 34.08 -4.01 4.11
CA ILE A 136 33.57 -2.79 3.50
C ILE A 136 33.89 -1.63 4.44
N ASP A 137 34.54 -0.59 3.88
CA ASP A 137 34.86 0.66 4.58
C ASP A 137 34.04 1.72 3.84
N ALA A 138 32.79 1.94 4.31
CA ALA A 138 31.84 2.87 3.70
C ALA A 138 30.74 3.25 4.68
N ALA A 139 30.06 4.38 4.40
CA ALA A 139 28.92 4.84 5.17
C ALA A 139 27.64 4.54 4.39
N PHE A 140 26.54 4.24 5.10
CA PHE A 140 25.25 3.91 4.51
C PHE A 140 24.16 4.90 4.89
N GLU A 141 23.39 5.35 3.91
CA GLU A 141 22.24 6.20 4.16
C GLU A 141 21.00 5.44 3.74
N PHE A 142 20.10 5.19 4.68
CA PHE A 142 18.85 4.51 4.40
C PHE A 142 17.70 5.36 4.76
N ASN A 143 16.70 5.38 3.88
CA ASN A 143 15.44 6.06 4.10
C ASN A 143 14.38 4.99 3.91
N ILE A 144 13.71 4.59 5.01
CA ILE A 144 12.71 3.52 5.05
C ILE A 144 11.32 4.10 5.22
N ARG A 145 10.40 3.66 4.37
CA ARG A 145 9.03 4.11 4.41
C ARG A 145 8.13 2.90 4.51
N ILE A 146 7.37 2.78 5.59
CA ILE A 146 6.39 1.72 5.76
C ILE A 146 5.05 2.38 5.83
N ASN A 147 4.15 1.97 4.91
CA ASN A 147 2.77 2.45 4.85
C ASN A 147 1.91 1.27 5.19
N ARG A 148 1.19 1.36 6.30
CA ARG A 148 0.31 0.30 6.81
C ARG A 148 -1.12 0.57 6.44
N ARG A 149 -1.89 -0.50 6.26
CA ARG A 149 -3.32 -0.37 5.96
C ARG A 149 -4.15 -0.60 7.22
N TYR A 150 -3.59 -0.18 8.37
CA TYR A 150 -4.19 -0.33 9.69
C TYR A 150 -3.47 0.57 10.66
N ARG A 151 -4.03 0.71 11.85
CA ARG A 151 -3.49 1.53 12.93
C ARG A 151 -3.35 0.60 14.15
N ASP A 152 -2.19 0.66 14.81
CA ASP A 152 -1.84 -0.05 16.07
C ASP A 152 -1.92 -1.61 16.08
N ALA A 153 -2.42 -2.28 15.02
CA ALA A 153 -2.51 -3.75 14.97
C ALA A 153 -1.14 -4.39 15.10
N LYS A 154 -1.11 -5.60 15.67
CA LYS A 154 0.14 -6.33 15.82
C LYS A 154 -0.02 -7.69 15.15
N GLY A 155 1.11 -8.28 14.79
CA GLY A 155 1.16 -9.60 14.19
C GLY A 155 0.83 -9.65 12.71
N LEU A 156 1.21 -8.60 11.96
CA LEU A 156 0.94 -8.67 10.53
C LEU A 156 2.25 -8.68 9.66
N GLY A 157 3.35 -9.07 10.29
CA GLY A 157 4.67 -9.34 9.69
C GLY A 157 5.43 -8.19 9.05
N GLU A 158 5.28 -7.00 9.62
CA GLU A 158 5.93 -5.76 9.13
C GLU A 158 7.44 -5.83 8.99
N SER A 159 8.11 -6.48 9.95
CA SER A 159 9.57 -6.56 9.99
C SER A 159 10.13 -7.33 8.76
N ALA A 160 9.36 -8.28 8.20
CA ALA A 160 9.76 -9.01 6.98
C ALA A 160 9.81 -8.03 5.77
N ALA A 161 8.89 -7.04 5.73
CA ALA A 161 8.81 -6.04 4.64
C ALA A 161 10.04 -5.14 4.66
N VAL A 162 10.44 -4.67 5.85
CA VAL A 162 11.62 -3.82 6.00
C VAL A 162 12.87 -4.64 5.61
N ALA A 163 12.98 -5.86 6.15
CA ALA A 163 14.11 -6.73 5.89
C ALA A 163 14.30 -7.03 4.41
N SER A 164 13.24 -7.41 3.68
CA SER A 164 13.39 -7.70 2.25
C SER A 164 13.69 -6.45 1.42
N ALA A 165 13.04 -5.30 1.75
CA ALA A 165 13.27 -4.06 0.99
C ALA A 165 14.69 -3.55 1.19
N THR A 166 15.18 -3.52 2.43
CA THR A 166 16.56 -3.09 2.72
C THR A 166 17.56 -4.04 2.09
N ALA A 167 17.30 -5.36 2.12
CA ALA A 167 18.24 -6.32 1.54
C ALA A 167 18.38 -6.15 0.02
N ARG A 168 17.26 -5.86 -0.66
CA ARG A 168 17.24 -5.68 -2.11
C ARG A 168 18.03 -4.41 -2.48
N ALA A 169 17.82 -3.31 -1.72
CA ALA A 169 18.51 -2.04 -1.97
C ALA A 169 20.02 -2.16 -1.70
N VAL A 170 20.41 -2.82 -0.60
CA VAL A 170 21.84 -3.04 -0.27
C VAL A 170 22.50 -3.96 -1.27
N ALA A 171 21.81 -5.04 -1.68
CA ALA A 171 22.38 -5.98 -2.64
C ALA A 171 22.67 -5.25 -3.97
N ALA A 172 21.74 -4.40 -4.44
CA ALA A 172 21.92 -3.63 -5.68
C ALA A 172 23.09 -2.65 -5.54
N ALA A 173 23.14 -1.89 -4.43
CA ALA A 173 24.20 -0.90 -4.20
C ALA A 173 25.58 -1.49 -3.94
N VAL A 174 25.65 -2.55 -3.15
CA VAL A 174 26.93 -3.12 -2.72
C VAL A 174 27.45 -4.19 -3.68
N PHE A 175 26.58 -5.04 -4.19
CA PHE A 175 26.98 -6.17 -5.03
C PHE A 175 26.57 -6.07 -6.51
N GLY A 176 25.58 -5.26 -6.84
CA GLY A 176 25.13 -5.08 -8.22
C GLY A 176 23.76 -5.67 -8.47
N MET A 177 23.17 -5.33 -9.62
CA MET A 177 21.82 -5.76 -10.00
C MET A 177 21.67 -7.27 -10.13
N ASP A 178 22.72 -7.97 -10.63
CA ASP A 178 22.73 -9.43 -10.77
C ASP A 178 22.50 -10.09 -9.40
N ALA A 179 23.24 -9.65 -8.36
CA ALA A 179 23.09 -10.13 -6.99
C ALA A 179 21.72 -9.75 -6.42
N ALA A 180 21.20 -8.53 -6.70
CA ALA A 180 19.88 -8.08 -6.23
C ALA A 180 18.72 -8.88 -6.82
N LYS A 181 18.93 -9.48 -8.00
CA LYS A 181 17.94 -10.30 -8.70
C LYS A 181 18.03 -11.77 -8.25
N ASP A 182 19.12 -12.15 -7.52
CA ASP A 182 19.34 -13.48 -6.97
C ASP A 182 18.56 -13.57 -5.62
N ARG A 183 17.39 -14.17 -5.67
CA ARG A 183 16.47 -14.25 -4.55
C ARG A 183 17.10 -14.98 -3.32
N GLY A 184 17.88 -16.03 -3.56
CA GLY A 184 18.59 -16.73 -2.49
C GLY A 184 19.55 -15.82 -1.76
N PHE A 185 20.35 -15.05 -2.52
CA PHE A 185 21.33 -14.16 -1.93
C PHE A 185 20.68 -13.00 -1.15
N VAL A 186 19.62 -12.45 -1.71
CA VAL A 186 18.84 -11.39 -1.10
C VAL A 186 18.17 -11.93 0.17
N SER A 187 17.63 -13.17 0.15
CA SER A 187 17.06 -13.71 1.40
C SER A 187 18.13 -13.88 2.49
N TYR A 188 19.36 -14.25 2.10
CA TYR A 188 20.48 -14.40 3.03
C TYR A 188 20.79 -13.06 3.72
N LEU A 189 20.87 -11.97 2.94
CA LEU A 189 21.09 -10.63 3.48
C LEU A 189 19.92 -10.19 4.38
N ALA A 190 18.67 -10.44 3.92
CA ALA A 190 17.45 -10.06 4.65
C ALA A 190 17.35 -10.72 6.03
N ARG A 191 17.88 -11.94 6.15
CA ARG A 191 17.89 -12.69 7.39
C ARG A 191 18.60 -11.92 8.49
N HIS A 192 19.69 -11.22 8.14
CA HIS A 192 20.46 -10.44 9.12
C HIS A 192 19.71 -9.23 9.64
N VAL A 193 18.60 -8.84 9.00
CA VAL A 193 17.79 -7.73 9.50
C VAL A 193 16.69 -8.34 10.36
N SER A 194 16.00 -9.36 9.82
CA SER A 194 14.92 -10.07 10.51
C SER A 194 14.76 -11.42 9.85
N GLY A 195 14.70 -12.47 10.65
CA GLY A 195 14.58 -13.84 10.19
C GLY A 195 13.49 -14.04 9.15
N SER A 196 12.28 -13.50 9.45
CA SER A 196 11.11 -13.60 8.56
C SER A 196 11.37 -12.93 7.20
N GLY A 197 12.39 -12.06 7.16
CA GLY A 197 12.82 -11.38 5.94
C GLY A 197 13.23 -12.31 4.82
N THR A 198 13.79 -13.51 5.17
CA THR A 198 14.22 -14.53 4.20
C THR A 198 13.03 -14.95 3.33
N ARG A 199 11.86 -15.14 3.96
CA ARG A 199 10.68 -15.61 3.29
C ARG A 199 10.07 -14.49 2.43
N SER A 200 10.06 -13.25 2.95
CA SER A 200 9.57 -12.11 2.16
C SER A 200 10.47 -11.90 0.90
N ALA A 201 11.79 -12.01 1.05
CA ALA A 201 12.69 -11.80 -0.08
C ALA A 201 12.58 -12.89 -1.14
N ALA A 202 12.19 -14.12 -0.72
CA ALA A 202 12.17 -15.28 -1.61
C ALA A 202 11.01 -15.31 -2.62
N GLY A 203 9.84 -14.82 -2.24
CA GLY A 203 8.70 -14.84 -3.14
C GLY A 203 7.38 -14.74 -2.40
N ASN A 204 6.29 -15.23 -3.03
CA ASN A 204 4.96 -15.12 -2.43
C ASN A 204 4.61 -16.26 -1.51
N LEU A 205 5.07 -17.49 -1.80
CA LEU A 205 4.88 -18.62 -0.92
C LEU A 205 6.28 -19.19 -0.72
N SER A 206 6.78 -19.12 0.52
CA SER A 206 8.18 -19.51 0.69
C SER A 206 8.53 -20.16 2.03
N MET A 207 9.62 -20.89 2.01
CA MET A 207 10.16 -21.59 3.14
C MET A 207 11.52 -21.06 3.47
N TRP A 208 11.80 -20.93 4.76
CA TRP A 208 13.14 -20.57 5.26
C TRP A 208 13.71 -21.85 5.89
N LEU A 209 14.84 -22.35 5.37
CA LEU A 209 15.50 -23.51 5.94
C LEU A 209 16.44 -23.00 7.07
N SER A 210 16.21 -23.47 8.29
CA SER A 210 17.01 -23.08 9.46
C SER A 210 16.89 -24.15 10.50
N TYR A 211 17.99 -24.38 11.23
CA TYR A 211 18.09 -25.34 12.33
C TYR A 211 19.45 -25.13 13.03
N PRO A 212 19.64 -25.62 14.28
CA PRO A 212 20.93 -25.43 14.95
C PRO A 212 22.11 -26.02 14.17
N GLY A 213 23.18 -25.27 14.01
CA GLY A 213 24.37 -25.76 13.32
C GLY A 213 24.37 -25.63 11.79
N ILE A 214 23.27 -25.10 11.20
CA ILE A 214 23.20 -24.90 9.75
C ILE A 214 24.33 -23.93 9.28
N ASP A 215 24.88 -24.16 8.08
CA ASP A 215 25.88 -23.25 7.49
C ASP A 215 25.17 -21.90 7.14
N ASP A 216 25.91 -20.81 7.27
CA ASP A 216 25.46 -19.47 7.02
C ASP A 216 24.70 -19.30 5.70
N LEU A 217 25.33 -19.67 4.57
CA LEU A 217 24.74 -19.50 3.23
C LEU A 217 23.64 -20.52 2.91
N SER A 218 23.43 -21.51 3.80
CA SER A 218 22.37 -22.51 3.67
C SER A 218 21.06 -22.07 4.34
N SER A 219 21.13 -21.15 5.30
CA SER A 219 19.94 -20.67 6.03
C SER A 219 19.30 -19.49 5.27
N ILE A 220 18.52 -19.84 4.25
CA ILE A 220 17.87 -18.92 3.35
C ILE A 220 16.44 -19.30 3.07
N GLY A 221 15.74 -18.39 2.43
CA GLY A 221 14.37 -18.58 1.98
C GLY A 221 14.40 -18.98 0.53
N PHE A 222 13.40 -19.74 0.07
CA PHE A 222 13.28 -20.15 -1.32
C PHE A 222 11.80 -20.24 -1.63
N GLU A 223 11.42 -19.95 -2.87
CA GLU A 223 10.03 -19.98 -3.28
C GLU A 223 9.51 -21.40 -3.46
N ILE A 224 8.36 -21.70 -2.87
CA ILE A 224 7.77 -23.02 -3.08
C ILE A 224 7.16 -23.07 -4.48
N ARG A 225 6.29 -22.10 -4.81
CA ARG A 225 5.67 -21.96 -6.16
C ARG A 225 5.04 -20.57 -6.32
N ASP A 227 1.81 -21.17 -8.32
CA ASP A 227 0.94 -21.78 -9.32
C ASP A 227 -0.55 -21.88 -8.87
N ASP A 228 -0.80 -22.67 -7.81
CA ASP A 228 -2.09 -23.01 -7.20
C ASP A 228 -2.10 -22.45 -5.76
N LEU A 229 -2.41 -21.14 -5.62
CA LEU A 229 -2.36 -20.50 -4.30
C LEU A 229 -3.74 -20.39 -3.59
N PHE A 230 -4.04 -19.22 -2.99
CA PHE A 230 -5.26 -18.98 -2.20
C PHE A 230 -5.58 -17.48 -2.05
N HIS A 231 -6.70 -17.16 -1.40
CA HIS A 231 -7.19 -15.79 -1.15
C HIS A 231 -7.22 -15.57 0.34
N PHE A 232 -7.05 -14.32 0.76
CA PHE A 232 -6.97 -14.01 2.17
C PHE A 232 -7.46 -12.59 2.48
N TYR A 233 -7.79 -12.36 3.75
CA TYR A 233 -8.40 -11.14 4.25
C TYR A 233 -7.97 -11.01 5.72
N ALA A 234 -7.57 -9.83 6.15
CA ALA A 234 -7.11 -9.64 7.52
C ALA A 234 -8.09 -8.87 8.35
N ILE A 235 -8.14 -9.16 9.65
CA ILE A 235 -8.96 -8.42 10.59
C ILE A 235 -7.90 -7.84 11.54
N PRO A 236 -7.35 -6.64 11.27
CA PRO A 236 -6.30 -6.09 12.16
C PRO A 236 -6.89 -5.79 13.53
N MET A 237 -6.16 -6.16 14.59
CA MET A 237 -6.63 -5.95 15.96
C MET A 237 -5.49 -5.51 16.88
N ARG A 238 -5.85 -4.79 17.96
CA ARG A 238 -4.93 -4.28 18.99
C ARG A 238 -4.57 -5.39 19.98
N SER A 239 -3.32 -5.41 20.41
CA SER A 239 -2.81 -6.40 21.37
C SER A 239 -1.71 -5.81 22.25
N ARG A 240 -1.42 -6.48 23.37
CA ARG A 240 -0.43 -6.07 24.38
C ARG A 240 1.01 -6.51 24.14
N ILE A 241 1.23 -7.71 23.56
CA ILE A 241 2.56 -8.31 23.41
C ILE A 241 3.26 -7.91 22.09
N GLU A 242 4.44 -7.28 22.21
CA GLU A 242 5.28 -6.89 21.07
C GLU A 242 5.92 -8.16 20.49
N THR A 243 5.91 -8.30 19.15
CA THR A 243 6.43 -9.48 18.42
C THR A 243 7.89 -9.85 18.82
N LEU A 244 8.76 -8.85 19.02
CA LEU A 244 10.17 -9.06 19.42
C LEU A 244 10.30 -9.73 20.81
N ASN A 245 9.38 -9.38 21.74
CA ASN A 245 9.33 -9.95 23.09
C ASN A 245 8.75 -11.36 23.07
N ALA A 246 7.86 -11.66 22.10
CA ALA A 246 7.23 -12.97 21.97
C ALA A 246 8.27 -14.06 21.70
N HIS A 247 9.42 -13.73 21.06
CA HIS A 247 10.50 -14.70 20.85
C HIS A 247 11.05 -15.17 22.21
N ASP A 248 11.28 -14.23 23.17
CA ASP A 248 11.79 -14.57 24.52
C ASP A 248 10.73 -15.32 25.33
N TYR A 249 9.49 -14.82 25.32
CA TYR A 249 8.35 -15.41 26.01
C TYR A 249 8.12 -16.87 25.58
N ALA A 250 8.04 -17.16 24.26
CA ALA A 250 7.85 -18.52 23.74
C ALA A 250 9.03 -19.42 24.04
N SER A 251 10.28 -18.93 23.87
CA SER A 251 11.54 -19.66 24.14
C SER A 251 11.64 -20.07 25.60
N SER A 252 11.06 -19.29 26.51
CA SER A 252 11.14 -19.59 27.94
C SER A 252 10.06 -20.58 28.38
N SER A 253 9.06 -20.87 27.53
CA SER A 253 8.00 -21.82 27.89
C SER A 253 8.55 -23.22 28.09
N ILE A 254 7.97 -23.97 29.08
CA ILE A 254 8.36 -25.36 29.31
C ILE A 254 7.91 -26.23 28.13
N PHE A 255 7.00 -25.70 27.28
CA PHE A 255 6.52 -26.44 26.12
C PHE A 255 7.30 -26.14 24.84
N TYR A 256 8.27 -25.18 24.90
CA TYR A 256 9.00 -24.77 23.72
C TYR A 256 9.76 -25.91 22.99
N ASN A 257 10.51 -26.74 23.73
CA ASN A 257 11.25 -27.88 23.17
C ASN A 257 10.33 -28.89 22.48
N ALA A 258 9.13 -29.17 23.05
CA ALA A 258 8.15 -30.07 22.44
C ALA A 258 7.65 -29.45 21.14
N TRP A 259 7.46 -28.12 21.11
CA TRP A 259 7.01 -27.44 19.88
C TRP A 259 8.10 -27.55 18.79
N VAL A 260 9.35 -27.26 19.14
CA VAL A 260 10.48 -27.30 18.21
C VAL A 260 10.59 -28.71 17.59
N LYS A 261 10.56 -29.75 18.44
CA LYS A 261 10.68 -31.15 18.00
C LYS A 261 9.58 -31.50 17.00
N SER A 262 8.32 -31.13 17.31
CA SER A 262 7.17 -31.41 16.45
C SER A 262 7.27 -30.66 15.12
N LYS A 263 7.93 -29.48 15.13
CA LYS A 263 8.13 -28.70 13.92
C LYS A 263 8.96 -29.44 12.88
N PHE A 264 10.03 -30.14 13.31
CA PHE A 264 10.84 -30.91 12.35
C PHE A 264 10.00 -32.03 11.68
N PHE A 265 9.19 -32.74 12.48
CA PHE A 265 8.35 -33.82 11.94
C PHE A 265 7.24 -33.28 11.07
N ASP A 266 6.69 -32.10 11.41
CA ASP A 266 5.66 -31.45 10.60
C ASP A 266 6.22 -30.93 9.27
N ILE A 267 7.45 -30.41 9.28
CA ILE A 267 8.11 -29.90 8.07
C ILE A 267 8.43 -31.08 7.12
N ILE A 268 8.94 -32.21 7.65
CA ILE A 268 9.23 -33.42 6.85
C ILE A 268 7.92 -33.87 6.19
N ASP A 269 6.81 -33.92 6.97
CA ASP A 269 5.50 -34.33 6.48
C ASP A 269 4.96 -33.40 5.36
N ILE A 270 5.12 -32.05 5.50
CA ILE A 270 4.63 -31.15 4.46
C ILE A 270 5.48 -31.29 3.18
N ILE A 271 6.80 -31.56 3.30
CA ILE A 271 7.67 -31.75 2.14
C ILE A 271 7.24 -33.03 1.40
N GLU A 272 7.00 -34.13 2.14
CA GLU A 272 6.54 -35.40 1.57
C GLU A 272 5.16 -35.24 0.92
N ASN A 273 4.36 -34.27 1.38
CA ASN A 273 3.02 -34.00 0.83
C ASN A 273 3.03 -32.89 -0.20
N LYS A 274 4.25 -32.55 -0.70
CA LYS A 274 4.50 -31.57 -1.75
C LYS A 274 3.81 -30.23 -1.51
N PHE A 275 3.85 -29.74 -0.25
CA PHE A 275 3.32 -28.44 0.15
C PHE A 275 1.87 -28.21 -0.27
N ASN A 276 1.05 -29.25 -0.18
CA ASN A 276 -0.36 -29.21 -0.51
C ASN A 276 -0.99 -28.00 0.21
N THR A 277 -1.68 -27.13 -0.56
CA THR A 277 -2.30 -25.89 -0.08
C THR A 277 -3.20 -26.09 1.09
N ARG A 278 -4.21 -26.96 0.93
CA ARG A 278 -5.21 -27.28 1.94
C ARG A 278 -4.54 -27.68 3.27
N MET A 279 -3.56 -28.61 3.20
CA MET A 279 -2.79 -29.09 4.35
C MET A 279 -2.05 -27.94 5.09
N MET A 280 -1.44 -27.01 4.34
CA MET A 280 -0.70 -25.90 4.95
C MET A 280 -1.66 -24.94 5.59
N LEU A 281 -2.85 -24.72 4.99
CA LEU A 281 -3.86 -23.80 5.53
C LEU A 281 -4.43 -24.37 6.81
N GLU A 282 -4.74 -25.68 6.82
CA GLU A 282 -5.22 -26.37 7.99
C GLU A 282 -4.11 -26.37 9.07
N TYR A 283 -2.86 -26.61 8.68
CA TYR A 283 -1.76 -26.58 9.64
C TYR A 283 -1.65 -25.19 10.32
N SER A 284 -1.73 -24.11 9.54
CA SER A 284 -1.65 -22.75 10.06
C SER A 284 -2.70 -22.46 11.13
N MET A 285 -3.91 -23.09 11.05
CA MET A 285 -4.97 -22.93 12.06
C MET A 285 -4.49 -23.63 13.36
N LYS A 286 -3.98 -24.88 13.25
CA LYS A 286 -3.53 -25.67 14.41
C LYS A 286 -2.37 -24.96 15.05
N ASP A 287 -1.47 -24.42 14.23
CA ASP A 287 -0.26 -23.75 14.70
C ASP A 287 -0.57 -22.45 15.43
N MET A 288 -1.67 -21.78 15.07
CA MET A 288 -2.09 -20.57 15.76
C MET A 288 -2.39 -20.92 17.23
N TYR A 289 -3.15 -22.03 17.49
CA TYR A 289 -3.48 -22.49 18.83
C TYR A 289 -2.23 -22.86 19.63
N ARG A 290 -1.27 -23.55 19.00
CA ARG A 290 -0.03 -23.97 19.65
C ARG A 290 0.85 -22.79 20.07
N LEU A 291 0.92 -21.77 19.22
CA LEU A 291 1.66 -20.55 19.42
C LEU A 291 1.04 -19.82 20.63
N GLN A 292 -0.30 -19.66 20.63
CA GLN A 292 -1.01 -18.99 21.75
C GLN A 292 -0.78 -19.73 23.05
N ALA A 293 -0.82 -21.08 23.00
CA ALA A 293 -0.56 -21.95 24.14
C ALA A 293 0.84 -21.74 24.69
N LEU A 294 1.86 -21.59 23.83
CA LEU A 294 3.23 -21.33 24.32
C LEU A 294 3.28 -20.03 25.11
N LEU A 295 2.65 -18.99 24.59
CA LEU A 295 2.61 -17.68 25.27
C LEU A 295 1.83 -17.76 26.58
N ILE A 296 0.64 -18.41 26.56
CA ILE A 296 -0.21 -18.59 27.74
C ILE A 296 0.55 -19.36 28.85
N SER A 297 1.21 -20.47 28.51
CA SER A 297 1.94 -21.30 29.48
C SER A 297 2.98 -20.49 30.26
N SER A 298 3.57 -19.43 29.65
CA SER A 298 4.57 -18.56 30.28
C SER A 298 3.89 -17.43 31.09
N GLY A 299 2.56 -17.40 31.10
CA GLY A 299 1.78 -16.36 31.79
C GLY A 299 1.47 -15.13 30.97
N TYR A 300 1.68 -15.16 29.65
CA TYR A 300 1.40 -14.04 28.76
C TYR A 300 0.08 -14.28 28.02
N ILE A 301 -0.94 -13.52 28.38
CA ILE A 301 -2.27 -13.67 27.78
C ILE A 301 -2.39 -12.75 26.57
N ILE A 302 -2.46 -13.37 25.39
CA ILE A 302 -2.61 -12.65 24.14
C ILE A 302 -4.08 -12.15 23.95
N TYR A 303 -5.06 -12.90 24.47
CA TYR A 303 -6.47 -12.58 24.30
C TYR A 303 -6.92 -11.20 24.79
N GLU A 304 -7.89 -10.68 24.09
CA GLU A 304 -8.59 -9.46 24.40
C GLU A 304 -10.07 -9.79 24.17
N LYS A 305 -10.99 -9.06 24.82
CA LYS A 305 -12.42 -9.34 24.74
C LYS A 305 -12.97 -9.38 23.31
N HIS A 306 -12.56 -8.40 22.49
CA HIS A 306 -12.99 -8.29 21.11
C HIS A 306 -12.47 -9.45 20.25
N TYR A 307 -11.21 -9.88 20.49
CA TYR A 307 -10.59 -11.02 19.81
C TYR A 307 -11.42 -12.25 20.13
N LEU A 308 -11.78 -12.42 21.41
CA LEU A 308 -12.59 -13.54 21.87
C LEU A 308 -13.94 -13.59 21.15
N ASP A 309 -14.61 -12.42 21.00
CA ASP A 309 -15.89 -12.34 20.29
C ASP A 309 -15.73 -12.72 18.81
N ILE A 310 -14.66 -12.26 18.14
CA ILE A 310 -14.43 -12.57 16.73
C ILE A 310 -14.06 -14.06 16.52
N ILE A 311 -13.13 -14.61 17.30
CA ILE A 311 -12.71 -16.00 17.15
C ILE A 311 -13.88 -16.98 17.39
N ARG A 312 -14.78 -16.68 18.34
CA ARG A 312 -15.96 -17.50 18.61
C ARG A 312 -16.91 -17.43 17.41
N LYS A 313 -17.10 -16.23 16.82
CA LYS A 313 -17.93 -16.06 15.61
C LYS A 313 -17.34 -16.89 14.44
N LEU A 314 -16.02 -16.77 14.20
CA LEU A 314 -15.29 -17.50 13.16
C LEU A 314 -15.39 -19.03 13.33
N ARG A 315 -15.07 -19.53 14.54
CA ARG A 315 -15.07 -20.97 14.85
C ARG A 315 -16.45 -21.59 14.68
N SER A 316 -17.48 -20.87 15.10
CA SER A 316 -18.88 -21.27 15.04
C SER A 316 -19.37 -21.45 13.59
N SER A 317 -18.84 -20.64 12.65
CA SER A 317 -19.30 -20.70 11.26
C SER A 317 -18.49 -21.57 10.32
N LEU A 318 -17.24 -21.93 10.68
CA LEU A 318 -16.33 -22.70 9.81
C LEU A 318 -16.90 -23.97 9.22
N ASN A 319 -17.70 -24.73 9.99
CA ASN A 319 -18.33 -25.97 9.53
C ASN A 319 -19.24 -25.75 8.31
N ASN A 320 -19.81 -24.54 8.17
CA ASN A 320 -20.73 -24.20 7.07
C ASN A 320 -20.00 -23.78 5.78
N TYR A 321 -18.66 -23.74 5.79
CA TYR A 321 -17.88 -23.33 4.62
C TYR A 321 -16.95 -24.48 4.26
N LYS A 322 -16.57 -24.59 2.99
CA LYS A 322 -15.75 -25.71 2.56
C LYS A 322 -14.23 -25.49 2.73
N ASN A 323 -13.68 -24.44 2.18
CA ASN A 323 -12.21 -24.27 2.21
C ASN A 323 -11.78 -23.00 2.92
N VAL A 324 -12.38 -22.74 4.06
CA VAL A 324 -12.11 -21.51 4.78
C VAL A 324 -11.34 -21.83 6.05
N TYR A 325 -10.24 -21.13 6.25
CA TYR A 325 -9.35 -21.33 7.39
C TYR A 325 -8.99 -19.96 7.94
N PHE A 326 -8.45 -19.91 9.15
CA PHE A 326 -8.00 -18.64 9.69
C PHE A 326 -6.81 -18.91 10.58
N THR A 327 -5.96 -17.90 10.76
CA THR A 327 -4.78 -18.02 11.60
C THR A 327 -4.48 -16.66 12.21
N SER A 328 -3.56 -16.64 13.16
CA SER A 328 -2.99 -15.44 13.77
C SER A 328 -1.59 -15.75 14.24
N ASP A 329 -0.73 -14.74 14.27
CA ASP A 329 0.66 -14.88 14.69
C ASP A 329 0.76 -14.40 16.16
N THR A 330 1.72 -13.50 16.47
CA THR A 330 1.91 -13.00 17.84
C THR A 330 1.19 -11.67 17.93
N GLY A 331 -0.12 -11.76 17.88
CA GLY A 331 -1.02 -10.62 17.89
C GLY A 331 -2.44 -11.12 17.84
N THR A 332 -3.36 -10.22 17.95
CA THR A 332 -4.78 -10.54 17.90
C THR A 332 -5.27 -10.37 16.46
N SER A 333 -4.41 -9.91 15.54
CA SER A 333 -4.84 -9.78 14.13
C SER A 333 -5.10 -11.16 13.55
N ILE A 334 -6.23 -11.34 12.86
CA ILE A 334 -6.58 -12.63 12.26
C ILE A 334 -6.49 -12.52 10.77
N VAL A 335 -6.00 -13.57 10.13
CA VAL A 335 -5.97 -13.66 8.68
C VAL A 335 -6.88 -14.81 8.29
N VAL A 336 -7.91 -14.53 7.49
CA VAL A 336 -8.87 -15.51 6.99
C VAL A 336 -8.39 -15.90 5.59
N MET A 337 -8.34 -17.20 5.30
CA MET A 337 -7.84 -17.70 4.03
C MET A 337 -8.81 -18.70 3.40
N SER A 338 -8.81 -18.75 2.06
CA SER A 338 -9.61 -19.72 1.32
C SER A 338 -9.00 -20.00 -0.01
N THR A 339 -9.20 -21.20 -0.55
CA THR A 339 -8.71 -21.53 -1.90
C THR A 339 -9.62 -20.88 -2.98
N SER A 340 -10.81 -20.40 -2.59
CA SER A 340 -11.79 -19.73 -3.46
C SER A 340 -12.02 -18.27 -3.04
N MET A 341 -11.95 -17.32 -4.00
CA MET A 341 -12.19 -15.90 -3.71
C MET A 341 -13.67 -15.65 -3.41
N ASN A 342 -14.56 -16.37 -4.11
CA ASN A 342 -16.00 -16.23 -3.92
C ASN A 342 -16.46 -16.77 -2.58
N GLU A 343 -15.91 -17.92 -2.15
CA GLU A 343 -16.24 -18.45 -0.82
C GLU A 343 -15.74 -17.49 0.28
N LEU A 344 -14.52 -16.96 0.14
CA LEU A 344 -13.95 -16.03 1.11
C LEU A 344 -14.85 -14.79 1.24
N SER A 345 -15.26 -14.20 0.11
CA SER A 345 -16.12 -13.01 0.14
C SER A 345 -17.49 -13.31 0.73
N ARG A 346 -18.04 -14.49 0.47
CA ARG A 346 -19.31 -14.95 1.03
C ARG A 346 -19.18 -15.08 2.56
N PHE A 347 -18.06 -15.67 3.06
CA PHE A 347 -17.73 -15.82 4.49
C PHE A 347 -17.62 -14.44 5.16
N VAL A 348 -16.84 -13.52 4.56
CA VAL A 348 -16.61 -12.15 5.07
C VAL A 348 -17.93 -11.38 5.17
N ASN A 349 -18.79 -11.47 4.13
CA ASN A 349 -20.08 -10.81 4.10
C ASN A 349 -21.07 -11.40 5.10
N ASP A 350 -21.23 -12.75 5.14
CA ASP A 350 -22.15 -13.42 6.10
C ASP A 350 -21.84 -13.11 7.58
N LEU A 351 -20.57 -13.00 7.93
CA LEU A 351 -20.16 -12.73 9.31
C LEU A 351 -19.98 -11.24 9.57
N ASP A 352 -20.19 -10.41 8.53
CA ASP A 352 -20.06 -8.95 8.56
C ASP A 352 -18.70 -8.53 9.17
N LEU A 353 -17.59 -9.14 8.66
CA LEU A 353 -16.24 -8.84 9.16
C LEU A 353 -15.79 -7.46 8.71
N ASP A 354 -15.11 -6.70 9.60
CA ASP A 354 -14.64 -5.37 9.24
C ASP A 354 -13.11 -5.34 9.20
N GLY A 355 -12.57 -5.80 8.10
CA GLY A 355 -11.13 -5.89 7.91
C GLY A 355 -10.67 -5.37 6.58
N ILE A 356 -9.55 -5.91 6.10
CA ILE A 356 -8.94 -5.47 4.86
C ILE A 356 -8.67 -6.66 3.95
N SER A 357 -8.96 -6.46 2.69
CA SER A 357 -8.73 -7.48 1.68
C SER A 357 -7.22 -7.59 1.43
N GLY A 358 -6.76 -8.80 1.28
CA GLY A 358 -5.35 -9.04 1.04
C GLY A 358 -5.13 -9.55 -0.36
N ASN A 359 -3.93 -9.34 -0.86
CA ASN A 359 -3.50 -9.87 -2.14
C ASN A 359 -2.00 -10.11 -2.11
N PHE A 360 -1.50 -11.09 -2.91
CA PHE A 360 -0.06 -11.33 -3.01
C PHE A 360 0.52 -10.16 -3.81
N PRO A 361 1.64 -9.58 -3.39
CA PRO A 361 2.21 -8.47 -4.19
C PRO A 361 2.55 -8.92 -5.61
N GLU A 362 2.36 -8.03 -6.57
CA GLU A 362 2.56 -8.37 -7.98
C GLU A 362 3.80 -7.78 -8.58
N LYS A 363 4.33 -6.72 -7.97
CA LYS A 363 5.49 -6.02 -8.48
C LYS A 363 6.58 -5.79 -7.42
N ILE A 364 7.75 -6.39 -7.65
CA ILE A 364 8.92 -6.16 -6.82
C ILE A 364 9.78 -5.18 -7.62
N ILE A 365 10.10 -4.05 -7.01
CA ILE A 365 10.87 -3.00 -7.65
C ILE A 365 12.27 -3.00 -7.09
N ILE A 366 13.26 -3.04 -7.97
CA ILE A 366 14.68 -2.90 -7.62
C ILE A 366 15.22 -2.00 -8.72
N GLU A 367 15.64 -0.78 -8.37
CA GLU A 367 16.09 0.15 -9.38
C GLU A 367 17.13 1.12 -8.89
N GLU A 368 17.94 1.60 -9.82
CA GLU A 368 18.89 2.66 -9.59
C GLU A 368 18.13 3.96 -9.87
N LEU A 369 18.14 4.88 -8.89
CA LEU A 369 17.53 6.21 -8.82
C LEU A 369 16.05 6.14 -8.44
N MET B 21 -19.20 32.67 -15.78
CA MET B 21 -20.33 32.58 -16.72
C MET B 21 -21.64 32.40 -15.97
N ASN B 22 -22.69 33.14 -16.39
CA ASN B 22 -24.02 33.09 -15.79
C ASN B 22 -24.76 31.79 -16.10
N ASP B 23 -24.73 31.31 -17.36
CA ASP B 23 -25.42 30.06 -17.73
C ASP B 23 -24.76 28.87 -17.04
N LEU B 24 -23.43 28.91 -16.92
CA LEU B 24 -22.74 27.82 -16.25
C LEU B 24 -23.13 27.81 -14.74
N ASN B 25 -23.21 28.99 -14.12
CA ASN B 25 -23.66 29.13 -12.73
C ASN B 25 -25.08 28.54 -12.54
N VAL B 26 -26.01 28.84 -13.46
CA VAL B 26 -27.37 28.34 -13.44
C VAL B 26 -27.38 26.80 -13.41
N TYR B 27 -26.60 26.16 -14.31
CA TYR B 27 -26.50 24.71 -14.38
C TYR B 27 -25.81 24.10 -13.16
N GLY B 28 -24.80 24.80 -12.64
CA GLY B 28 -24.12 24.39 -11.43
C GLY B 28 -25.07 24.39 -10.26
N GLU B 29 -25.82 25.48 -10.10
CA GLU B 29 -26.80 25.62 -9.03
C GLU B 29 -27.91 24.57 -9.17
N LYS B 30 -28.34 24.22 -10.40
CA LYS B 30 -29.36 23.20 -10.62
C LYS B 30 -28.82 21.83 -10.10
N ILE B 31 -27.57 21.52 -10.42
CA ILE B 31 -26.89 20.31 -9.97
C ILE B 31 -26.82 20.31 -8.44
N ARG B 32 -26.43 21.45 -7.83
CA ARG B 32 -26.33 21.57 -6.38
C ARG B 32 -27.71 21.27 -5.72
N ASN B 33 -28.81 21.84 -6.25
CA ASN B 33 -30.17 21.61 -5.73
C ASN B 33 -30.55 20.13 -5.86
N MET B 34 -30.22 19.47 -6.98
CA MET B 34 -30.50 18.05 -7.17
C MET B 34 -29.76 17.23 -6.11
N LEU B 35 -28.52 17.58 -5.83
CA LEU B 35 -27.71 16.85 -4.85
C LEU B 35 -28.17 17.06 -3.41
N LEU B 36 -28.64 18.29 -3.11
CA LEU B 36 -29.17 18.64 -1.79
C LEU B 36 -30.44 17.85 -1.54
N GLU B 37 -31.28 17.67 -2.59
CA GLU B 37 -32.53 16.92 -2.53
C GLU B 37 -32.26 15.42 -2.30
N LEU B 38 -31.17 14.88 -2.88
CA LEU B 38 -30.80 13.47 -2.71
C LEU B 38 -30.30 13.18 -1.30
N GLY B 39 -29.76 14.18 -0.62
CA GLY B 39 -29.25 14.06 0.75
C GLY B 39 -27.81 13.63 0.84
N ILE B 40 -27.15 13.44 -0.31
CA ILE B 40 -25.77 13.00 -0.34
C ILE B 40 -24.80 14.18 -0.23
N TYR B 41 -25.27 15.40 -0.46
CA TYR B 41 -24.39 16.56 -0.41
C TYR B 41 -24.90 17.60 0.58
N ASN B 42 -23.96 18.30 1.25
CA ASN B 42 -24.24 19.45 2.11
C ASN B 42 -23.05 20.37 2.01
N LYS B 43 -23.29 21.68 2.13
CA LYS B 43 -22.21 22.68 2.18
C LYS B 43 -21.34 22.26 3.40
N SER B 44 -20.02 22.35 3.29
CA SER B 44 -19.20 21.97 4.42
C SER B 44 -19.37 22.93 5.62
N ASP B 45 -19.26 22.38 6.83
CA ASP B 45 -19.20 23.17 8.05
C ASP B 45 -17.76 23.70 8.12
N ASP B 46 -17.58 24.80 8.84
CA ASP B 46 -16.25 25.40 9.03
C ASP B 46 -15.87 25.24 10.50
N TYR B 47 -14.57 25.35 10.80
CA TYR B 47 -14.03 25.15 12.14
C TYR B 47 -13.08 26.26 12.53
N SER B 48 -12.97 26.50 13.83
CA SER B 48 -12.06 27.49 14.41
C SER B 48 -10.77 26.77 14.76
N PRO B 49 -9.57 27.37 14.51
CA PRO B 49 -8.32 26.69 14.87
C PRO B 49 -8.20 26.51 16.38
N ASP B 50 -7.67 25.36 16.81
CA ASP B 50 -7.36 25.01 18.21
C ASP B 50 -6.09 24.14 18.10
N ILE B 51 -4.98 24.80 17.76
CA ILE B 51 -3.70 24.14 17.45
C ILE B 51 -3.10 23.36 18.64
N LYS B 52 -2.76 22.08 18.36
CA LYS B 52 -2.07 21.17 19.26
C LYS B 52 -0.59 21.22 18.82
N TYR B 53 0.17 22.21 19.34
CA TYR B 53 1.58 22.43 19.02
C TYR B 53 2.47 21.29 19.49
N ASN B 54 3.56 21.02 18.75
CA ASN B 54 4.59 20.02 19.07
C ASN B 54 4.12 18.57 19.13
N LYS B 55 2.93 18.25 18.62
CA LYS B 55 2.45 16.85 18.61
C LYS B 55 2.44 16.39 17.15
N THR B 56 2.95 15.19 16.88
CA THR B 56 2.97 14.68 15.51
C THR B 56 1.64 13.99 15.23
N PHE B 57 1.03 14.34 14.11
CA PHE B 57 -0.20 13.71 13.64
C PHE B 57 0.11 12.95 12.38
N HIS B 58 -0.56 11.84 12.17
CA HIS B 58 -0.37 10.95 11.04
C HIS B 58 -1.66 10.67 10.30
N ALA B 59 -1.61 10.69 8.96
CA ALA B 59 -2.78 10.32 8.17
C ALA B 59 -2.37 9.68 6.88
N ASN B 60 -3.24 8.88 6.29
CA ASN B 60 -2.97 8.27 4.99
C ASN B 60 -3.94 8.84 3.96
N GLY B 61 -3.72 8.51 2.69
CA GLY B 61 -4.51 9.02 1.56
C GLY B 61 -4.23 8.19 0.32
N TYR B 62 -5.20 8.13 -0.57
CA TYR B 62 -5.11 7.27 -1.73
C TYR B 62 -5.31 7.99 -3.05
N PRO B 63 -4.67 7.50 -4.12
CA PRO B 63 -4.83 8.18 -5.42
C PRO B 63 -6.22 7.97 -6.02
N ILE B 64 -6.54 8.69 -7.08
CA ILE B 64 -7.84 8.56 -7.75
C ILE B 64 -7.66 8.31 -9.25
N THR B 65 -8.70 7.77 -9.90
CA THR B 65 -8.82 7.61 -11.33
C THR B 65 -10.16 8.28 -11.71
N GLY B 66 -10.12 9.24 -12.63
CA GLY B 66 -11.30 9.99 -13.08
C GLY B 66 -12.26 9.19 -13.93
N LEU B 67 -13.55 9.35 -13.66
CA LEU B 67 -14.64 8.76 -14.44
C LEU B 67 -15.24 9.94 -15.25
N TYR B 68 -15.75 10.98 -14.58
CA TYR B 68 -16.20 12.24 -15.22
C TYR B 68 -14.99 13.13 -14.90
N LYS B 69 -14.08 13.24 -15.87
CA LYS B 69 -12.76 13.85 -15.73
C LYS B 69 -12.76 15.34 -15.59
N PHE B 70 -11.72 15.83 -14.94
CA PHE B 70 -11.56 17.24 -14.68
C PHE B 70 -10.24 17.77 -15.26
N LEU B 71 -10.32 18.93 -15.91
CA LEU B 71 -9.19 19.73 -16.38
C LEU B 71 -9.65 21.18 -16.43
N GLY B 72 -8.77 22.06 -16.00
CA GLY B 72 -9.01 23.50 -16.01
C GLY B 72 -9.71 24.04 -14.80
N TYR B 73 -9.22 25.17 -14.33
CA TYR B 73 -9.76 25.82 -13.16
C TYR B 73 -10.50 27.08 -13.51
N TYR B 74 -11.58 27.36 -12.79
CA TYR B 74 -12.27 28.63 -12.91
C TYR B 74 -11.42 29.67 -12.12
N ASP B 75 -11.00 29.30 -10.91
CA ASP B 75 -10.20 30.14 -10.03
C ASP B 75 -9.04 29.28 -9.54
N ARG B 76 -7.86 29.46 -10.15
CA ARG B 76 -6.66 28.68 -9.83
C ARG B 76 -6.08 29.01 -8.45
N ASP B 77 -6.41 30.18 -7.89
CA ASP B 77 -5.92 30.58 -6.56
C ASP B 77 -6.61 29.80 -5.43
N ASN B 78 -7.90 29.47 -5.61
CA ASN B 78 -8.69 28.74 -4.62
C ASN B 78 -8.99 27.31 -5.09
N ASN B 79 -8.46 26.93 -6.25
CA ASN B 79 -8.68 25.63 -6.89
C ASN B 79 -10.20 25.32 -7.09
N ILE B 80 -10.94 26.26 -7.67
CA ILE B 80 -12.35 26.05 -8.01
C ILE B 80 -12.32 25.60 -9.46
N ALA B 81 -12.92 24.44 -9.79
CA ALA B 81 -13.00 23.92 -11.15
C ALA B 81 -14.18 24.55 -11.90
N ASN B 82 -14.13 24.52 -13.24
CA ASN B 82 -15.19 25.05 -14.09
C ASN B 82 -16.44 24.17 -14.07
N PHE B 83 -16.31 22.89 -13.69
CA PHE B 83 -17.44 21.98 -13.71
C PHE B 83 -17.26 20.84 -12.70
N PRO B 84 -18.33 20.08 -12.38
CA PRO B 84 -18.18 18.98 -11.43
C PRO B 84 -17.48 17.77 -12.04
N SER B 85 -16.83 16.97 -11.19
CA SER B 85 -16.12 15.76 -11.62
C SER B 85 -16.43 14.60 -10.68
N ILE B 86 -16.20 13.37 -11.17
CA ILE B 86 -16.48 12.13 -10.47
C ILE B 86 -15.31 11.16 -10.66
N SER B 87 -14.76 10.63 -9.55
CA SER B 87 -13.69 9.66 -9.62
C SER B 87 -13.87 8.53 -8.62
N PHE B 88 -12.98 7.54 -8.71
CA PHE B 88 -12.92 6.48 -7.75
C PHE B 88 -11.52 6.44 -7.18
N THR B 89 -11.42 6.08 -5.91
CA THR B 89 -10.19 5.99 -5.15
C THR B 89 -9.57 4.61 -5.31
N THR B 90 -8.26 4.56 -5.59
CA THR B 90 -7.58 3.27 -5.85
C THR B 90 -6.44 3.00 -4.83
N ASN B 91 -5.79 1.84 -4.96
CA ASN B 91 -4.64 1.45 -4.14
C ASN B 91 -3.38 1.30 -5.03
N PHE B 92 -3.31 2.02 -6.18
CA PHE B 92 -2.13 1.89 -7.05
C PHE B 92 -0.86 2.44 -6.39
N SER B 93 -1.05 3.27 -5.37
CA SER B 93 -0.01 3.84 -4.52
C SER B 93 -0.72 4.21 -3.24
N SER B 94 0.02 4.59 -2.21
CA SER B 94 -0.54 5.01 -0.94
C SER B 94 0.34 6.12 -0.43
N CYS B 95 -0.28 7.09 0.22
CA CYS B 95 0.46 8.18 0.80
C CYS B 95 0.25 8.16 2.31
N ASP B 96 1.30 8.46 3.05
CA ASP B 96 1.24 8.58 4.50
C ASP B 96 1.90 9.92 4.83
N VAL B 97 1.27 10.70 5.67
CA VAL B 97 1.78 12.01 6.02
C VAL B 97 1.89 12.15 7.50
N THR B 98 2.97 12.78 7.93
CA THR B 98 3.32 13.15 9.30
C THR B 98 3.33 14.68 9.36
N CYS B 99 2.59 15.26 10.30
CA CYS B 99 2.47 16.71 10.42
C CYS B 99 2.73 17.13 11.85
N ARG B 100 3.50 18.21 12.01
CA ARG B 100 3.85 18.79 13.29
C ARG B 100 3.75 20.30 13.16
N VAL B 101 3.01 20.94 14.06
CA VAL B 101 2.83 22.38 14.07
C VAL B 101 3.68 22.98 15.19
N LEU B 102 4.47 24.02 14.86
CA LEU B 102 5.37 24.69 15.80
C LEU B 102 4.98 26.13 15.95
N ARG B 103 5.19 26.71 17.14
CA ARG B 103 4.84 28.11 17.45
C ARG B 103 5.68 29.08 16.62
N SER B 104 6.93 28.72 16.37
CA SER B 104 7.88 29.52 15.61
C SER B 104 8.80 28.59 14.80
N GLY B 105 9.55 29.20 13.89
CA GLY B 105 10.49 28.48 13.05
C GLY B 105 10.11 28.59 11.60
N ASN B 106 10.68 27.70 10.80
CA ASN B 106 10.49 27.65 9.36
C ASN B 106 9.75 26.39 8.95
N ASP B 107 8.96 26.50 7.88
CA ASP B 107 8.27 25.34 7.33
C ASP B 107 9.28 24.35 6.78
N ARG B 108 9.01 23.05 6.93
CA ARG B 108 9.87 22.02 6.37
C ARG B 108 8.97 21.01 5.71
N ILE B 109 9.17 20.81 4.41
CA ILE B 109 8.38 19.87 3.62
C ILE B 109 9.34 18.81 3.06
N ILE B 110 9.25 17.59 3.58
CA ILE B 110 10.06 16.46 3.15
C ILE B 110 9.17 15.54 2.35
N PHE B 111 9.56 15.22 1.12
CA PHE B 111 8.79 14.34 0.24
C PHE B 111 9.68 13.14 -0.12
N ASN B 112 9.28 11.92 0.28
CA ASN B 112 10.07 10.70 0.07
C ASN B 112 11.55 10.90 0.44
N GLY B 113 11.79 11.53 1.59
CA GLY B 113 13.13 11.83 2.08
C GLY B 113 13.85 13.00 1.43
N LYS B 114 13.22 13.71 0.48
CA LYS B 114 13.85 14.85 -0.21
C LYS B 114 13.28 16.19 0.22
N ASN B 115 14.17 17.17 0.36
CA ASN B 115 13.84 18.55 0.72
C ASN B 115 14.23 19.37 -0.51
N ASN B 116 13.32 19.43 -1.50
CA ASN B 116 13.51 20.13 -2.77
C ASN B 116 12.53 21.30 -2.88
N GLU B 117 13.01 22.42 -3.46
CA GLU B 117 12.30 23.69 -3.67
C GLU B 117 10.94 23.54 -4.38
N LYS B 118 10.83 22.53 -5.28
CA LYS B 118 9.63 22.21 -6.04
C LYS B 118 8.45 21.86 -5.11
N TYR B 119 8.68 20.90 -4.16
CA TYR B 119 7.68 20.45 -3.17
C TYR B 119 7.30 21.57 -2.20
N TYR B 120 8.30 22.36 -1.77
CA TYR B 120 8.13 23.49 -0.87
C TYR B 120 7.15 24.50 -1.50
N LYS B 121 7.37 24.85 -2.78
CA LYS B 121 6.56 25.76 -3.59
C LYS B 121 5.08 25.34 -3.72
N ARG B 122 4.81 24.04 -3.82
CA ARG B 122 3.42 23.55 -3.95
C ARG B 122 2.70 23.55 -2.60
N ALA B 123 3.45 23.32 -1.49
CA ALA B 123 2.93 23.24 -0.11
C ALA B 123 2.61 24.62 0.47
N GLU B 124 3.57 25.56 0.36
CA GLU B 124 3.48 26.91 0.87
C GLU B 124 2.27 27.67 0.31
N LYS B 125 1.68 27.20 -0.80
CA LYS B 125 0.49 27.79 -1.43
C LYS B 125 -0.78 27.42 -0.65
N ALA B 126 -0.94 26.14 -0.26
CA ALA B 126 -2.10 25.73 0.54
C ALA B 126 -1.97 26.26 1.98
N LEU B 127 -0.72 26.34 2.48
CA LEU B 127 -0.45 26.85 3.81
C LEU B 127 -0.72 28.35 3.88
N SER B 128 -0.49 29.09 2.76
CA SER B 128 -0.77 30.52 2.67
C SER B 128 -2.27 30.74 2.86
N PHE B 129 -3.12 29.93 2.19
CA PHE B 129 -4.57 29.99 2.34
C PHE B 129 -4.92 29.80 3.80
N LEU B 130 -4.37 28.75 4.43
CA LEU B 130 -4.63 28.40 5.82
C LEU B 130 -4.26 29.54 6.79
N ARG B 131 -3.05 30.10 6.64
CA ARG B 131 -2.58 31.21 7.47
C ARG B 131 -3.35 32.50 7.25
N LYS B 132 -3.75 32.80 6.01
CA LYS B 132 -4.51 34.03 5.72
C LYS B 132 -5.97 33.91 6.16
N LYS B 133 -6.70 32.84 5.75
CA LYS B 133 -8.10 32.66 6.15
C LYS B 133 -8.29 32.50 7.68
N TYR B 134 -7.44 31.66 8.34
CA TYR B 134 -7.65 31.36 9.76
C TYR B 134 -6.73 32.12 10.74
N ARG B 135 -5.94 33.10 10.23
CA ARG B 135 -5.04 33.94 11.03
C ARG B 135 -4.16 33.10 11.97
N ILE B 136 -3.39 32.19 11.37
CA ILE B 136 -2.48 31.28 12.05
C ILE B 136 -1.07 31.82 11.93
N ASP B 137 -0.37 31.95 13.07
CA ASP B 137 1.02 32.35 13.13
C ASP B 137 1.74 31.13 13.70
N ALA B 138 2.19 30.25 12.79
CA ALA B 138 2.87 28.98 13.14
C ALA B 138 3.67 28.44 11.97
N ALA B 139 4.63 27.54 12.25
CA ALA B 139 5.46 26.88 11.25
C ALA B 139 4.98 25.43 11.16
N PHE B 140 5.08 24.84 9.95
CA PHE B 140 4.62 23.48 9.70
C PHE B 140 5.76 22.57 9.24
N GLU B 141 5.82 21.36 9.81
CA GLU B 141 6.77 20.34 9.39
C GLU B 141 5.96 19.18 8.84
N PHE B 142 6.16 18.87 7.56
CA PHE B 142 5.49 17.76 6.90
C PHE B 142 6.47 16.77 6.40
N ASN B 143 6.16 15.49 6.61
CA ASN B 143 6.95 14.38 6.11
C ASN B 143 5.98 13.53 5.31
N ILE B 144 6.14 13.53 3.98
CA ILE B 144 5.24 12.85 3.03
C ILE B 144 5.92 11.62 2.46
N ARG B 145 5.21 10.49 2.53
CA ARG B 145 5.71 9.22 2.05
C ARG B 145 4.74 8.65 1.04
N ILE B 146 5.19 8.47 -0.19
CA ILE B 146 4.37 7.85 -1.23
C ILE B 146 5.09 6.56 -1.60
N ASN B 147 4.36 5.43 -1.47
CA ASN B 147 4.80 4.11 -1.87
C ASN B 147 3.98 3.70 -3.07
N ARG B 148 4.65 3.58 -4.22
CA ARG B 148 3.98 3.24 -5.49
C ARG B 148 4.14 1.79 -5.81
N ARG B 149 3.17 1.22 -6.52
CA ARG B 149 3.25 -0.18 -6.97
C ARG B 149 3.71 -0.24 -8.43
N TYR B 150 4.56 0.70 -8.82
CA TYR B 150 5.07 0.83 -10.19
C TYR B 150 6.32 1.66 -10.08
N ARG B 151 7.24 1.41 -10.99
CA ARG B 151 8.54 2.07 -10.97
C ARG B 151 8.39 3.51 -11.39
N ASP B 152 7.72 3.75 -12.52
CA ASP B 152 7.50 5.08 -13.08
C ASP B 152 6.27 5.02 -13.95
N ALA B 153 5.40 6.00 -13.80
CA ALA B 153 4.14 6.13 -14.51
C ALA B 153 3.49 7.45 -14.17
N LYS B 154 2.70 7.99 -15.10
CA LYS B 154 1.96 9.24 -14.91
C LYS B 154 0.49 8.98 -15.14
N GLY B 155 -0.36 9.81 -14.56
CA GLY B 155 -1.79 9.67 -14.75
C GLY B 155 -2.42 8.60 -13.87
N LEU B 156 -1.85 8.33 -12.68
CA LEU B 156 -2.44 7.37 -11.73
C LEU B 156 -2.91 8.07 -10.47
N GLY B 157 -3.08 9.39 -10.56
CA GLY B 157 -3.69 10.26 -9.56
C GLY B 157 -2.98 10.40 -8.24
N GLU B 158 -1.64 10.37 -8.25
CA GLU B 158 -0.78 10.49 -7.06
C GLU B 158 -1.03 11.77 -6.27
N SER B 159 -1.26 12.90 -6.95
CA SER B 159 -1.47 14.21 -6.32
C SER B 159 -2.74 14.24 -5.42
N ALA B 160 -3.78 13.45 -5.76
CA ALA B 160 -4.97 13.33 -4.92
C ALA B 160 -4.63 12.64 -3.57
N ALA B 161 -3.70 11.66 -3.58
CA ALA B 161 -3.27 10.90 -2.38
C ALA B 161 -2.53 11.82 -1.43
N VAL B 162 -1.63 12.68 -1.96
CA VAL B 162 -0.88 13.64 -1.13
C VAL B 162 -1.86 14.69 -0.57
N ALA B 163 -2.75 15.23 -1.43
CA ALA B 163 -3.71 16.24 -1.01
C ALA B 163 -4.63 15.73 0.11
N SER B 164 -5.20 14.51 -0.01
CA SER B 164 -6.07 14.01 1.05
C SER B 164 -5.32 13.68 2.35
N ALA B 165 -4.13 13.08 2.26
CA ALA B 165 -3.38 12.73 3.47
C ALA B 165 -2.87 13.98 4.20
N THR B 166 -2.36 14.98 3.46
CA THR B 166 -1.93 16.23 4.10
C THR B 166 -3.11 16.96 4.71
N ALA B 167 -4.29 16.95 4.05
CA ALA B 167 -5.47 17.65 4.59
C ALA B 167 -5.96 17.03 5.88
N ARG B 168 -5.91 15.68 5.96
CA ARG B 168 -6.34 14.95 7.16
C ARG B 168 -5.42 15.25 8.33
N ALA B 169 -4.09 15.25 8.08
CA ALA B 169 -3.09 15.52 9.12
C ALA B 169 -3.17 16.96 9.61
N VAL B 170 -3.34 17.95 8.69
CA VAL B 170 -3.47 19.37 9.07
C VAL B 170 -4.75 19.61 9.81
N ALA B 171 -5.87 18.98 9.37
CA ALA B 171 -7.16 19.16 10.04
C ALA B 171 -7.05 18.67 11.49
N ALA B 172 -6.41 17.50 11.73
CA ALA B 172 -6.23 16.95 13.07
C ALA B 172 -5.36 17.87 13.94
N ALA B 173 -4.21 18.35 13.40
CA ALA B 173 -3.28 19.20 14.13
C ALA B 173 -3.78 20.60 14.40
N VAL B 174 -4.42 21.22 13.39
CA VAL B 174 -4.85 22.62 13.48
C VAL B 174 -6.26 22.77 14.08
N PHE B 175 -7.20 21.89 13.71
CA PHE B 175 -8.60 22.00 14.12
C PHE B 175 -9.09 20.93 15.10
N GLY B 176 -8.40 19.79 15.17
CA GLY B 176 -8.80 18.71 16.08
C GLY B 176 -9.37 17.51 15.37
N MET B 177 -9.51 16.41 16.10
CA MET B 177 -9.98 15.13 15.57
C MET B 177 -11.38 15.17 15.00
N ASP B 178 -12.29 15.92 15.63
CA ASP B 178 -13.68 16.09 15.18
C ASP B 178 -13.70 16.63 13.74
N ALA B 179 -12.91 17.69 13.48
CA ALA B 179 -12.76 18.30 12.16
C ALA B 179 -12.10 17.32 11.17
N ALA B 180 -11.07 16.56 11.62
CA ALA B 180 -10.38 15.60 10.77
C ALA B 180 -11.27 14.43 10.34
N LYS B 181 -12.30 14.12 11.14
CA LYS B 181 -13.26 13.04 10.85
C LYS B 181 -14.41 13.55 9.95
N ASP B 182 -14.53 14.88 9.79
CA ASP B 182 -15.55 15.53 8.94
C ASP B 182 -15.02 15.51 7.50
N ARG B 183 -15.50 14.55 6.70
CA ARG B 183 -15.04 14.34 5.35
C ARG B 183 -15.23 15.56 4.43
N GLY B 184 -16.34 16.27 4.61
CA GLY B 184 -16.62 17.48 3.87
C GLY B 184 -15.57 18.55 4.13
N PHE B 185 -15.23 18.76 5.40
CA PHE B 185 -14.23 19.76 5.80
C PHE B 185 -12.82 19.40 5.32
N VAL B 186 -12.45 18.13 5.43
CA VAL B 186 -11.17 17.62 4.96
C VAL B 186 -11.11 17.75 3.44
N SER B 187 -12.25 17.50 2.70
CA SER B 187 -12.22 17.67 1.23
C SER B 187 -12.00 19.14 0.86
N TYR B 188 -12.58 20.04 1.64
CA TYR B 188 -12.42 21.48 1.46
C TYR B 188 -10.94 21.87 1.60
N LEU B 189 -10.26 21.39 2.66
CA LEU B 189 -8.84 21.66 2.87
C LEU B 189 -7.99 21.03 1.77
N ALA B 190 -8.28 19.76 1.37
CA ALA B 190 -7.53 19.02 0.35
C ALA B 190 -7.57 19.71 -1.01
N ARG B 191 -8.69 20.40 -1.31
CA ARG B 191 -8.90 21.13 -2.56
C ARG B 191 -7.82 22.17 -2.75
N HIS B 192 -7.39 22.82 -1.64
CA HIS B 192 -6.36 23.86 -1.70
C HIS B 192 -4.96 23.31 -2.01
N VAL B 193 -4.77 21.99 -1.93
CA VAL B 193 -3.49 21.37 -2.29
C VAL B 193 -3.62 20.96 -3.75
N SER B 194 -4.72 20.26 -4.10
CA SER B 194 -4.97 19.77 -5.47
C SER B 194 -6.46 19.51 -5.56
N GLY B 195 -7.08 20.02 -6.62
CA GLY B 195 -8.51 19.87 -6.85
C GLY B 195 -8.99 18.44 -6.69
N SER B 196 -8.29 17.47 -7.31
CA SER B 196 -8.60 16.02 -7.24
C SER B 196 -8.58 15.47 -5.80
N GLY B 197 -7.88 16.15 -4.90
CA GLY B 197 -7.82 15.79 -3.49
C GLY B 197 -9.18 15.84 -2.83
N THR B 198 -10.13 16.69 -3.35
CA THR B 198 -11.51 16.73 -2.82
C THR B 198 -12.15 15.35 -2.92
N ARG B 199 -11.97 14.67 -4.06
CA ARG B 199 -12.58 13.36 -4.27
C ARG B 199 -11.88 12.26 -3.47
N SER B 200 -10.54 12.32 -3.35
CA SER B 200 -9.82 11.33 -2.54
C SER B 200 -10.21 11.46 -1.03
N ALA B 201 -10.36 12.70 -0.55
CA ALA B 201 -10.72 12.91 0.86
C ALA B 201 -12.13 12.43 1.20
N ALA B 202 -13.03 12.45 0.21
CA ALA B 202 -14.43 12.16 0.44
C ALA B 202 -14.79 10.69 0.60
N GLY B 203 -14.11 9.81 -0.11
CA GLY B 203 -14.43 8.39 -0.04
C GLY B 203 -13.93 7.61 -1.23
N ASN B 204 -14.55 6.43 -1.53
CA ASN B 204 -14.11 5.54 -2.62
C ASN B 204 -14.69 5.91 -3.97
N LEU B 205 -15.98 6.18 -4.04
CA LEU B 205 -16.60 6.64 -5.26
C LEU B 205 -17.14 8.01 -4.89
N SER B 206 -16.60 9.07 -5.50
CA SER B 206 -16.99 10.41 -5.10
C SER B 206 -17.07 11.45 -6.19
N MET B 207 -17.80 12.49 -5.87
CA MET B 207 -18.03 13.62 -6.73
C MET B 207 -17.53 14.89 -6.08
N TRP B 208 -16.96 15.78 -6.86
CA TRP B 208 -16.56 17.11 -6.41
C TRP B 208 -17.52 18.08 -7.08
N LEU B 209 -18.29 18.83 -6.30
CA LEU B 209 -19.20 19.84 -6.84
C LEU B 209 -18.40 21.14 -7.00
N SER B 210 -18.33 21.63 -8.23
CA SER B 210 -17.61 22.85 -8.55
C SER B 210 -18.20 23.43 -9.83
N TYR B 211 -18.27 24.76 -9.90
CA TYR B 211 -18.74 25.51 -11.05
C TYR B 211 -18.46 27.01 -10.82
N PRO B 212 -18.45 27.87 -11.87
CA PRO B 212 -18.17 29.30 -11.63
C PRO B 212 -19.19 29.97 -10.70
N GLY B 213 -18.70 30.72 -9.73
CA GLY B 213 -19.56 31.42 -8.79
C GLY B 213 -19.93 30.63 -7.56
N ILE B 214 -19.56 29.32 -7.47
CA ILE B 214 -19.86 28.51 -6.29
C ILE B 214 -19.17 29.12 -5.04
N ASP B 215 -19.84 29.03 -3.86
CA ASP B 215 -19.24 29.48 -2.61
C ASP B 215 -18.08 28.53 -2.21
N ASP B 216 -17.06 29.08 -1.55
CA ASP B 216 -15.89 28.39 -1.06
C ASP B 216 -16.20 27.06 -0.34
N LEU B 217 -17.04 27.09 0.71
CA LEU B 217 -17.37 25.90 1.51
C LEU B 217 -18.35 24.92 0.82
N SER B 218 -18.95 25.32 -0.31
CA SER B 218 -19.84 24.48 -1.13
C SER B 218 -19.07 23.65 -2.16
N SER B 219 -17.82 24.07 -2.54
CA SER B 219 -17.00 23.33 -3.52
C SER B 219 -16.15 22.26 -2.84
N ILE B 220 -16.79 21.12 -2.58
CA ILE B 220 -16.21 19.99 -1.87
C ILE B 220 -16.54 18.67 -2.53
N GLY B 221 -15.92 17.63 -2.03
CA GLY B 221 -16.17 16.28 -2.49
C GLY B 221 -17.12 15.61 -1.54
N PHE B 222 -17.84 14.60 -2.03
CA PHE B 222 -18.76 13.81 -1.19
C PHE B 222 -18.85 12.41 -1.75
N GLU B 223 -19.06 11.43 -0.91
CA GLU B 223 -19.15 10.04 -1.36
C GLU B 223 -20.50 9.75 -2.02
N ILE B 224 -20.49 9.00 -3.11
CA ILE B 224 -21.71 8.58 -3.78
C ILE B 224 -22.27 7.32 -3.09
N ARG B 225 -21.45 6.27 -2.95
CA ARG B 225 -21.82 5.02 -2.24
C ARG B 225 -20.55 4.21 -1.91
N LYS B 226 -20.73 3.13 -1.13
CA LYS B 226 -19.69 2.20 -0.70
C LYS B 226 -20.10 0.76 -1.08
N ASP B 227 -21.10 0.63 -1.98
CA ASP B 227 -21.65 -0.64 -2.47
C ASP B 227 -21.76 -0.62 -3.99
N ASP B 228 -22.11 -1.79 -4.58
CA ASP B 228 -22.30 -2.05 -6.01
C ASP B 228 -21.28 -1.31 -6.89
N LEU B 229 -19.99 -1.64 -6.72
CA LEU B 229 -18.93 -0.99 -7.48
C LEU B 229 -18.44 -1.85 -8.68
N PHE B 230 -17.13 -2.02 -8.86
CA PHE B 230 -16.60 -2.73 -10.03
C PHE B 230 -15.19 -3.20 -9.75
N HIS B 231 -14.60 -3.91 -10.69
CA HIS B 231 -13.26 -4.44 -10.61
C HIS B 231 -12.38 -3.64 -11.56
N PHE B 232 -11.11 -3.47 -11.20
CA PHE B 232 -10.24 -2.66 -12.06
C PHE B 232 -8.78 -3.10 -11.99
N TYR B 233 -8.00 -2.70 -12.98
CA TYR B 233 -6.62 -3.13 -13.14
C TYR B 233 -5.88 -2.02 -13.91
N ALA B 234 -4.69 -1.67 -13.49
CA ALA B 234 -3.92 -0.61 -14.16
C ALA B 234 -2.78 -1.13 -14.98
N ILE B 235 -2.46 -0.44 -16.07
CA ILE B 235 -1.29 -0.72 -16.89
C ILE B 235 -0.45 0.57 -16.75
N PRO B 236 0.45 0.65 -15.75
CA PRO B 236 1.25 1.89 -15.59
C PRO B 236 2.17 2.11 -16.78
N MET B 237 2.24 3.34 -17.31
CA MET B 237 3.10 3.67 -18.47
C MET B 237 3.77 5.04 -18.31
N ARG B 238 4.94 5.22 -18.94
CA ARG B 238 5.70 6.48 -18.93
C ARG B 238 5.16 7.45 -19.98
N SER B 239 5.18 8.75 -19.64
CA SER B 239 4.66 9.84 -20.48
C SER B 239 5.49 11.12 -20.28
N ARG B 240 5.65 11.94 -21.35
CA ARG B 240 6.46 13.16 -21.34
C ARG B 240 5.63 14.42 -21.04
N THR B 243 1.20 17.69 -15.97
CA THR B 243 -0.13 17.55 -15.36
C THR B 243 -0.70 18.89 -14.90
N LEU B 244 0.17 19.80 -14.39
CA LEU B 244 -0.24 21.18 -14.01
C LEU B 244 -0.37 21.98 -15.34
N ASN B 245 0.42 21.57 -16.35
CA ASN B 245 0.43 22.10 -17.70
C ASN B 245 -0.80 21.61 -18.42
N ALA B 246 -1.34 20.40 -18.03
CA ALA B 246 -2.55 19.88 -18.67
C ALA B 246 -3.73 20.84 -18.48
N HIS B 247 -3.84 21.49 -17.28
CA HIS B 247 -4.89 22.51 -17.03
C HIS B 247 -4.80 23.69 -17.98
N ASP B 248 -3.59 24.26 -18.18
CA ASP B 248 -3.36 25.40 -19.08
C ASP B 248 -3.64 25.00 -20.53
N TYR B 249 -3.08 23.85 -20.96
CA TYR B 249 -3.25 23.35 -22.31
C TYR B 249 -4.70 23.09 -22.67
N ALA B 250 -5.47 22.44 -21.77
CA ALA B 250 -6.88 22.18 -22.01
C ALA B 250 -7.69 23.47 -22.03
N SER B 251 -7.46 24.38 -21.08
CA SER B 251 -8.16 25.66 -20.93
C SER B 251 -7.95 26.56 -22.12
N SER B 252 -6.80 26.45 -22.78
CA SER B 252 -6.53 27.32 -23.92
C SER B 252 -7.08 26.73 -25.22
N SER B 253 -7.59 25.48 -25.20
CA SER B 253 -8.15 24.88 -26.42
C SER B 253 -9.40 25.65 -26.87
N ILE B 254 -9.61 25.81 -28.20
CA ILE B 254 -10.83 26.43 -28.74
C ILE B 254 -12.05 25.54 -28.46
N PHE B 255 -11.83 24.29 -28.09
CA PHE B 255 -12.89 23.34 -27.79
C PHE B 255 -13.24 23.29 -26.28
N TYR B 256 -12.49 24.00 -25.45
CA TYR B 256 -12.68 23.94 -24.00
C TYR B 256 -14.10 24.33 -23.51
N ASN B 257 -14.65 25.45 -23.99
CA ASN B 257 -15.99 25.90 -23.62
C ASN B 257 -17.08 24.90 -24.00
N ALA B 258 -16.94 24.23 -25.18
CA ALA B 258 -17.88 23.20 -25.62
C ALA B 258 -17.79 22.01 -24.68
N TRP B 259 -16.58 21.65 -24.23
CA TRP B 259 -16.41 20.55 -23.30
C TRP B 259 -17.08 20.88 -21.94
N VAL B 260 -16.84 22.09 -21.43
CA VAL B 260 -17.37 22.57 -20.15
C VAL B 260 -18.90 22.50 -20.19
N LYS B 261 -19.52 23.01 -21.26
CA LYS B 261 -20.97 23.01 -21.44
C LYS B 261 -21.55 21.60 -21.42
N SER B 262 -20.92 20.66 -22.17
CA SER B 262 -21.37 19.27 -22.24
C SER B 262 -21.24 18.56 -20.91
N LYS B 263 -20.25 18.97 -20.11
CA LYS B 263 -20.04 18.40 -18.78
C LYS B 263 -21.22 18.63 -17.85
N PHE B 264 -21.82 19.83 -17.87
CA PHE B 264 -22.99 20.11 -17.04
C PHE B 264 -24.17 19.20 -17.41
N PHE B 265 -24.42 19.01 -18.71
CA PHE B 265 -25.50 18.16 -19.19
C PHE B 265 -25.24 16.69 -18.88
N ASP B 266 -23.96 16.27 -18.98
CA ASP B 266 -23.58 14.89 -18.66
C ASP B 266 -23.69 14.59 -17.17
N ILE B 267 -23.33 15.57 -16.30
CA ILE B 267 -23.43 15.43 -14.85
C ILE B 267 -24.91 15.32 -14.42
N ILE B 268 -25.77 16.17 -14.99
CA ILE B 268 -27.22 16.17 -14.71
C ILE B 268 -27.77 14.79 -15.08
N ASP B 269 -27.39 14.27 -16.26
CA ASP B 269 -27.82 12.97 -16.76
C ASP B 269 -27.38 11.81 -15.83
N ILE B 270 -26.12 11.84 -15.33
CA ILE B 270 -25.67 10.75 -14.44
C ILE B 270 -26.42 10.82 -13.08
N ILE B 271 -26.74 12.05 -12.59
CA ILE B 271 -27.48 12.18 -11.33
C ILE B 271 -28.90 11.62 -11.51
N GLU B 272 -29.57 11.96 -12.62
CA GLU B 272 -30.90 11.45 -12.94
C GLU B 272 -30.89 9.93 -13.14
N ASN B 273 -29.75 9.37 -13.53
CA ASN B 273 -29.57 7.92 -13.71
C ASN B 273 -29.01 7.24 -12.48
N LYS B 274 -29.02 7.96 -11.32
CA LYS B 274 -28.60 7.49 -10.01
C LYS B 274 -27.19 6.85 -10.02
N PHE B 275 -26.24 7.48 -10.75
CA PHE B 275 -24.84 7.07 -10.82
C PHE B 275 -24.67 5.59 -11.19
N ASN B 276 -25.51 5.09 -12.09
CA ASN B 276 -25.49 3.73 -12.62
C ASN B 276 -24.04 3.39 -13.01
N THR B 277 -23.52 2.28 -12.48
CA THR B 277 -22.14 1.81 -12.65
C THR B 277 -21.72 1.72 -14.11
N ARG B 278 -22.44 0.90 -14.92
CA ARG B 278 -22.08 0.71 -16.32
C ARG B 278 -22.09 2.02 -17.12
N MET B 279 -23.05 2.93 -16.86
CA MET B 279 -23.09 4.21 -17.56
C MET B 279 -21.82 5.04 -17.28
N MET B 280 -21.38 5.09 -16.00
CA MET B 280 -20.17 5.80 -15.60
C MET B 280 -18.94 5.19 -16.23
N LEU B 281 -18.86 3.84 -16.30
CA LEU B 281 -17.71 3.17 -16.90
C LEU B 281 -17.59 3.46 -18.36
N GLU B 282 -18.73 3.42 -19.09
CA GLU B 282 -18.82 3.74 -20.51
C GLU B 282 -18.47 5.21 -20.73
N TYR B 283 -19.01 6.11 -19.86
CA TYR B 283 -18.73 7.54 -19.97
C TYR B 283 -17.21 7.80 -19.85
N SER B 284 -16.55 7.15 -18.87
CA SER B 284 -15.14 7.34 -18.63
C SER B 284 -14.29 7.00 -19.85
N MET B 285 -14.73 6.03 -20.69
CA MET B 285 -14.03 5.67 -21.95
C MET B 285 -14.19 6.86 -22.95
N LYS B 286 -15.42 7.36 -23.12
CA LYS B 286 -15.72 8.48 -24.05
C LYS B 286 -14.96 9.71 -23.61
N ASP B 287 -14.92 9.94 -22.31
CA ASP B 287 -14.29 11.12 -21.74
C ASP B 287 -12.80 11.11 -21.88
N MET B 288 -12.19 9.90 -21.90
CA MET B 288 -10.76 9.76 -22.13
C MET B 288 -10.41 10.36 -23.53
N TYR B 289 -11.21 10.01 -24.58
CA TYR B 289 -11.00 10.51 -25.93
C TYR B 289 -11.16 12.02 -26.01
N ARG B 290 -12.18 12.56 -25.35
CA ARG B 290 -12.44 13.99 -25.34
C ARG B 290 -11.32 14.81 -24.68
N LEU B 291 -10.78 14.30 -23.58
CA LEU B 291 -9.68 14.87 -22.81
C LEU B 291 -8.46 14.90 -23.71
N GLN B 292 -8.12 13.77 -24.36
CA GLN B 292 -6.97 13.67 -25.28
C GLN B 292 -7.12 14.66 -26.42
N ALA B 293 -8.35 14.77 -26.97
CA ALA B 293 -8.67 15.71 -28.05
C ALA B 293 -8.42 17.15 -27.64
N LEU B 294 -8.80 17.53 -26.40
CA LEU B 294 -8.55 18.90 -25.94
C LEU B 294 -7.06 19.19 -25.90
N LEU B 295 -6.26 18.25 -25.36
CA LEU B 295 -4.80 18.38 -25.29
C LEU B 295 -4.18 18.43 -26.67
N ILE B 296 -4.60 17.54 -27.60
CA ILE B 296 -4.12 17.50 -28.98
C ILE B 296 -4.38 18.86 -29.68
N SER B 297 -5.60 19.41 -29.49
CA SER B 297 -6.04 20.65 -30.16
C SER B 297 -5.20 21.86 -29.77
N SER B 298 -4.48 21.78 -28.65
CA SER B 298 -3.57 22.82 -28.15
C SER B 298 -2.11 22.51 -28.50
N GLY B 299 -1.87 21.42 -29.23
CA GLY B 299 -0.53 21.02 -29.66
C GLY B 299 0.21 20.12 -28.70
N TYR B 300 -0.48 19.57 -27.69
CA TYR B 300 0.16 18.65 -26.74
C TYR B 300 -0.23 17.21 -27.11
N ILE B 301 0.73 16.45 -27.66
CA ILE B 301 0.47 15.07 -28.06
C ILE B 301 0.77 14.13 -26.89
N ILE B 302 -0.30 13.57 -26.29
CA ILE B 302 -0.15 12.67 -25.14
C ILE B 302 0.31 11.28 -25.59
N TYR B 303 -0.12 10.87 -26.80
CA TYR B 303 0.17 9.60 -27.47
C TYR B 303 1.68 9.35 -27.66
N GLU B 304 2.18 8.19 -27.18
CA GLU B 304 3.55 7.65 -27.29
C GLU B 304 3.35 6.35 -28.06
N LYS B 305 4.41 5.84 -28.73
CA LYS B 305 4.33 4.64 -29.57
C LYS B 305 3.78 3.43 -28.85
N HIS B 306 4.26 3.18 -27.63
CA HIS B 306 3.84 2.04 -26.83
C HIS B 306 2.39 2.14 -26.39
N TYR B 307 1.97 3.35 -26.02
CA TYR B 307 0.60 3.63 -25.65
C TYR B 307 -0.32 3.32 -26.86
N LEU B 308 0.09 3.79 -28.05
CA LEU B 308 -0.64 3.55 -29.28
C LEU B 308 -0.79 2.05 -29.54
N ASP B 309 0.28 1.25 -29.34
CA ASP B 309 0.21 -0.19 -29.53
C ASP B 309 -0.77 -0.85 -28.53
N ILE B 310 -0.77 -0.41 -27.27
CA ILE B 310 -1.66 -0.98 -26.25
C ILE B 310 -3.13 -0.57 -26.50
N ILE B 311 -3.41 0.71 -26.77
CA ILE B 311 -4.77 1.18 -26.98
C ILE B 311 -5.42 0.51 -28.23
N ARG B 312 -4.64 0.28 -29.29
CA ARG B 312 -5.11 -0.44 -30.50
C ARG B 312 -5.44 -1.89 -30.15
N LYS B 313 -4.59 -2.55 -29.33
CA LYS B 313 -4.85 -3.92 -28.88
C LYS B 313 -6.16 -3.96 -28.07
N LEU B 314 -6.31 -3.04 -27.08
CA LEU B 314 -7.50 -2.92 -26.21
C LEU B 314 -8.79 -2.67 -27.05
N ARG B 315 -8.78 -1.66 -27.93
CA ARG B 315 -9.94 -1.26 -28.73
C ARG B 315 -10.40 -2.37 -29.65
N SER B 316 -9.44 -3.08 -30.27
CA SER B 316 -9.65 -4.18 -31.19
C SER B 316 -10.37 -5.38 -30.52
N SER B 317 -10.11 -5.61 -29.23
CA SER B 317 -10.66 -6.75 -28.48
C SER B 317 -11.94 -6.49 -27.70
N LEU B 318 -12.29 -5.21 -27.42
CA LEU B 318 -13.45 -4.86 -26.60
C LEU B 318 -14.77 -5.50 -27.01
N ASN B 319 -15.04 -5.63 -28.32
CA ASN B 319 -16.26 -6.25 -28.84
C ASN B 319 -16.42 -7.70 -28.35
N ASN B 320 -15.31 -8.41 -28.07
CA ASN B 320 -15.33 -9.80 -27.64
C ASN B 320 -15.56 -9.97 -26.12
N TYR B 321 -15.70 -8.86 -25.38
CA TYR B 321 -15.92 -8.92 -23.94
C TYR B 321 -17.18 -8.20 -23.60
N LYS B 322 -17.75 -8.57 -22.45
CA LYS B 322 -18.97 -7.98 -21.96
C LYS B 322 -18.63 -7.10 -20.77
N ASN B 323 -19.04 -5.83 -20.83
CA ASN B 323 -18.86 -4.86 -19.75
C ASN B 323 -17.40 -4.68 -19.28
N VAL B 324 -16.47 -4.66 -20.24
CA VAL B 324 -15.06 -4.33 -20.03
C VAL B 324 -14.87 -2.95 -20.67
N TYR B 325 -14.32 -2.02 -19.90
CA TYR B 325 -14.11 -0.63 -20.31
C TYR B 325 -12.68 -0.24 -19.92
N PHE B 326 -12.16 0.83 -20.48
CA PHE B 326 -10.84 1.31 -20.08
C PHE B 326 -10.81 2.82 -20.19
N THR B 327 -9.92 3.42 -19.44
CA THR B 327 -9.78 4.85 -19.45
C THR B 327 -8.34 5.25 -19.20
N SER B 328 -8.03 6.50 -19.45
CA SER B 328 -6.73 7.15 -19.22
C SER B 328 -7.01 8.55 -18.71
N ASP B 329 -6.10 9.15 -17.97
CA ASP B 329 -6.27 10.54 -17.53
C ASP B 329 -5.24 11.40 -18.31
N THR B 330 -4.42 12.20 -17.63
CA THR B 330 -3.38 13.03 -18.22
C THR B 330 -2.06 12.27 -18.08
N GLY B 331 -1.94 11.27 -18.93
CA GLY B 331 -0.82 10.34 -18.95
C GLY B 331 -1.15 9.18 -19.84
N THR B 332 -0.20 8.23 -19.92
CA THR B 332 -0.33 7.08 -20.77
C THR B 332 -0.76 5.84 -19.96
N SER B 333 -0.87 5.95 -18.64
CA SER B 333 -1.32 4.80 -17.84
C SER B 333 -2.79 4.51 -18.13
N ILE B 334 -3.14 3.25 -18.29
CA ILE B 334 -4.50 2.87 -18.60
C ILE B 334 -5.09 2.13 -17.43
N VAL B 335 -6.35 2.36 -17.15
CA VAL B 335 -7.08 1.65 -16.11
C VAL B 335 -8.19 0.87 -16.82
N VAL B 336 -8.19 -0.45 -16.66
CA VAL B 336 -9.19 -1.36 -17.26
C VAL B 336 -10.21 -1.64 -16.17
N MET B 337 -11.49 -1.56 -16.48
CA MET B 337 -12.56 -1.74 -15.50
C MET B 337 -13.63 -2.71 -16.00
N SER B 338 -14.27 -3.44 -15.06
CA SER B 338 -15.35 -4.37 -15.42
C SER B 338 -16.25 -4.58 -14.22
N THR B 339 -17.54 -4.84 -14.47
CA THR B 339 -18.51 -5.19 -13.42
C THR B 339 -18.35 -6.69 -13.04
N SER B 340 -17.58 -7.48 -13.83
CA SER B 340 -17.28 -8.90 -13.57
C SER B 340 -15.78 -9.11 -13.33
N MET B 341 -15.41 -9.80 -12.23
CA MET B 341 -14.00 -10.08 -11.93
C MET B 341 -13.44 -11.12 -12.89
N ASN B 342 -14.25 -12.12 -13.26
CA ASN B 342 -13.84 -13.15 -14.20
C ASN B 342 -13.63 -12.61 -15.60
N GLU B 343 -14.51 -11.68 -16.05
CA GLU B 343 -14.36 -11.07 -17.39
C GLU B 343 -13.13 -10.18 -17.45
N LEU B 344 -12.82 -9.47 -16.35
CA LEU B 344 -11.63 -8.63 -16.27
C LEU B 344 -10.37 -9.50 -16.33
N SER B 345 -10.31 -10.56 -15.53
CA SER B 345 -9.14 -11.43 -15.48
C SER B 345 -8.96 -12.16 -16.82
N ARG B 346 -10.08 -12.52 -17.46
CA ARG B 346 -10.06 -13.17 -18.78
C ARG B 346 -9.43 -12.20 -19.83
N PHE B 347 -9.85 -10.93 -19.79
CA PHE B 347 -9.36 -9.87 -20.66
C PHE B 347 -7.85 -9.62 -20.44
N VAL B 348 -7.45 -9.47 -19.18
CA VAL B 348 -6.06 -9.24 -18.78
C VAL B 348 -5.14 -10.40 -19.24
N ASN B 349 -5.60 -11.65 -19.03
CA ASN B 349 -4.84 -12.85 -19.40
C ASN B 349 -4.78 -13.01 -20.93
N ASP B 350 -5.94 -12.93 -21.63
CA ASP B 350 -5.98 -13.11 -23.09
C ASP B 350 -5.10 -12.10 -23.84
N LEU B 351 -5.02 -10.86 -23.34
CA LEU B 351 -4.26 -9.79 -23.98
C LEU B 351 -2.87 -9.67 -23.43
N ASP B 352 -2.52 -10.58 -22.50
CA ASP B 352 -1.24 -10.65 -21.83
C ASP B 352 -0.79 -9.24 -21.37
N LEU B 353 -1.69 -8.53 -20.63
CA LEU B 353 -1.40 -7.20 -20.12
C LEU B 353 -0.47 -7.31 -18.91
N ASP B 354 0.53 -6.45 -18.81
CA ASP B 354 1.45 -6.54 -17.69
C ASP B 354 1.27 -5.37 -16.79
N GLY B 355 0.28 -5.47 -15.90
CA GLY B 355 -0.04 -4.39 -14.99
C GLY B 355 -0.24 -4.83 -13.57
N ILE B 356 -1.08 -4.08 -12.84
CA ILE B 356 -1.33 -4.33 -11.41
C ILE B 356 -2.81 -4.33 -11.11
N SER B 357 -3.22 -5.28 -10.28
CA SER B 357 -4.61 -5.39 -9.88
C SER B 357 -4.95 -4.23 -8.91
N GLY B 358 -6.15 -3.69 -9.04
CA GLY B 358 -6.56 -2.60 -8.19
C GLY B 358 -7.64 -3.02 -7.21
N ASN B 359 -7.75 -2.25 -6.12
CA ASN B 359 -8.84 -2.39 -5.15
C ASN B 359 -9.13 -1.04 -4.51
N PHE B 360 -10.36 -0.87 -4.01
CA PHE B 360 -10.75 0.37 -3.31
C PHE B 360 -10.18 0.30 -1.89
N PRO B 361 -9.47 1.35 -1.40
CA PRO B 361 -8.92 1.30 -0.01
C PRO B 361 -10.04 1.14 1.02
N GLU B 362 -9.74 0.40 2.09
CA GLU B 362 -10.75 0.09 3.09
C GLU B 362 -10.53 0.81 4.40
N LYS B 363 -9.31 1.30 4.64
CA LYS B 363 -8.96 1.92 5.90
C LYS B 363 -8.30 3.31 5.74
N ILE B 364 -8.96 4.32 6.31
CA ILE B 364 -8.42 5.66 6.39
C ILE B 364 -7.93 5.84 7.83
N ILE B 365 -6.66 6.17 7.98
CA ILE B 365 -6.03 6.36 9.28
C ILE B 365 -5.83 7.82 9.55
N ILE B 366 -6.28 8.29 10.72
CA ILE B 366 -6.06 9.65 11.19
C ILE B 366 -5.74 9.48 12.67
N GLU B 367 -4.52 9.82 13.07
CA GLU B 367 -4.12 9.59 14.45
C GLU B 367 -3.09 10.56 14.98
N GLU B 368 -3.11 10.75 16.31
CA GLU B 368 -2.11 11.50 17.04
C GLU B 368 -1.04 10.47 17.39
N LEU B 369 0.22 10.75 17.08
CA LEU B 369 1.32 9.82 17.38
C LEU B 369 1.86 9.96 18.81
#